data_4ZG1
#
_entry.id   4ZG1
#
_cell.length_a   91.520
_cell.length_b   91.520
_cell.length_c   184.590
_cell.angle_alpha   90.000
_cell.angle_beta   90.000
_cell.angle_gamma   90.000
#
_symmetry.space_group_name_H-M   'P 43 2 2'
#
loop_
_entity.id
_entity.type
_entity.pdbx_description
1 polymer NB17
2 water water
#
_entity_poly.entity_id   1
_entity_poly.type   'polypeptide(L)'
_entity_poly.pdbx_seq_one_letter_code
;QVQLQESGGGLVQAGGSLRLSCAASGSTFGIRTMGWYRQAPGKQRDLVAIISSGGSTDYADSVKGRFTISRDNAKNTVYL
QMDSLKPEDTAIYYCNARVGITMLAHWGQGTQVTVSS
;
_entity_poly.pdbx_strand_id   A,B,C,D,E,F
#
# COMPACT_ATOMS: atom_id res chain seq x y z
N GLN A 1 -8.93 10.55 -13.13
N GLN A 1 -9.02 10.75 -13.26
CA GLN A 1 -9.09 10.02 -14.46
CA GLN A 1 -9.09 9.98 -14.50
C GLN A 1 -7.72 9.86 -15.08
C GLN A 1 -7.69 9.79 -15.10
N VAL A 2 -7.50 8.69 -15.62
CA VAL A 2 -6.24 8.37 -16.22
C VAL A 2 -6.51 8.06 -17.68
N GLN A 3 -5.75 8.67 -18.58
CA GLN A 3 -5.83 8.38 -20.00
C GLN A 3 -4.56 7.63 -20.38
N LEU A 4 -4.66 6.71 -21.34
CA LEU A 4 -3.52 5.89 -21.72
C LEU A 4 -3.29 5.98 -23.23
N GLN A 5 -2.04 6.19 -23.61
CA GLN A 5 -1.69 6.37 -25.02
C GLN A 5 -0.77 5.24 -25.47
N GLU A 6 -1.27 4.40 -26.36
CA GLU A 6 -0.55 3.21 -26.76
C GLU A 6 0.09 3.41 -28.13
N SER A 7 1.32 2.93 -28.28
CA SER A 7 2.02 3.11 -29.55
C SER A 7 3.11 2.06 -29.65
N GLY A 8 3.67 1.92 -30.84
CA GLY A 8 4.86 1.12 -31.00
C GLY A 8 4.64 -0.17 -31.75
N GLY A 9 3.39 -0.55 -31.97
CA GLY A 9 3.11 -1.79 -32.66
C GLY A 9 3.25 -1.68 -34.17
N GLY A 10 2.90 -2.75 -34.86
CA GLY A 10 2.88 -2.75 -36.31
C GLY A 10 3.26 -4.12 -36.82
N LEU A 11 3.81 -4.14 -38.01
CA LEU A 11 4.13 -5.37 -38.72
C LEU A 11 5.62 -5.67 -38.58
N VAL A 12 5.97 -6.91 -38.27
CA VAL A 12 7.36 -7.25 -38.00
C VAL A 12 7.58 -8.70 -38.40
N GLN A 13 8.77 -9.04 -38.88
CA GLN A 13 9.06 -10.42 -39.22
C GLN A 13 9.22 -11.23 -37.95
N ALA A 14 8.91 -12.52 -38.00
CA ALA A 14 9.19 -13.43 -36.89
C ALA A 14 10.65 -13.31 -36.48
N GLY A 15 10.91 -13.36 -35.18
CA GLY A 15 12.26 -13.19 -34.69
C GLY A 15 12.64 -11.75 -34.47
N GLY A 16 11.79 -10.85 -34.95
CA GLY A 16 12.04 -9.43 -34.84
C GLY A 16 11.60 -8.92 -33.48
N SER A 17 11.73 -7.61 -33.30
CA SER A 17 11.43 -6.95 -32.05
C SER A 17 10.54 -5.77 -32.28
N LEU A 18 9.75 -5.43 -31.25
CA LEU A 18 8.97 -4.22 -31.23
C LEU A 18 9.08 -3.68 -29.84
N ARG A 19 8.90 -2.39 -29.68
N ARG A 19 8.89 -2.38 -29.67
CA ARG A 19 8.79 -1.80 -28.34
CA ARG A 19 8.80 -1.79 -28.34
C ARG A 19 7.47 -1.06 -28.23
C ARG A 19 7.48 -1.04 -28.21
N LEU A 20 6.61 -1.51 -27.32
CA LEU A 20 5.32 -0.87 -27.13
C LEU A 20 5.45 0.13 -26.03
N SER A 21 4.71 1.22 -26.16
N SER A 21 4.67 1.19 -26.14
CA SER A 21 4.74 2.29 -25.17
CA SER A 21 4.74 2.29 -25.19
C SER A 21 3.33 2.54 -24.69
C SER A 21 3.34 2.57 -24.69
N CYS A 22 3.19 2.66 -23.37
CA CYS A 22 1.93 2.97 -22.77
C CYS A 22 2.12 4.23 -21.95
N ALA A 23 1.81 5.38 -22.55
CA ALA A 23 1.98 6.67 -21.89
C ALA A 23 0.70 7.07 -21.16
N ALA A 24 0.82 7.41 -19.88
CA ALA A 24 -0.34 7.72 -19.06
C ALA A 24 -0.42 9.21 -18.81
N SER A 25 -1.63 9.74 -18.70
CA SER A 25 -1.81 11.13 -18.31
C SER A 25 -3.00 11.21 -17.35
N GLY A 26 -3.11 12.32 -16.63
CA GLY A 26 -4.19 12.46 -15.68
C GLY A 26 -3.70 12.18 -14.29
N SER A 27 -4.55 11.58 -13.47
CA SER A 27 -4.19 11.28 -12.08
C SER A 27 -3.30 10.05 -12.04
N THR A 28 -2.07 10.21 -12.52
CA THR A 28 -1.14 9.11 -12.71
C THR A 28 -0.37 8.77 -11.45
N PHE A 29 -0.31 9.71 -10.52
CA PHE A 29 0.53 9.55 -9.36
C PHE A 29 0.19 8.27 -8.58
N GLY A 30 -1.10 7.96 -8.46
CA GLY A 30 -1.52 6.83 -7.65
C GLY A 30 -1.62 5.47 -8.33
N ILE A 31 -1.11 5.34 -9.54
CA ILE A 31 -1.21 4.08 -10.28
C ILE A 31 -0.39 2.98 -9.61
N ARG A 32 -1.07 1.96 -9.09
CA ARG A 32 -0.43 0.84 -8.39
C ARG A 32 0.27 -0.14 -9.34
N THR A 33 -0.44 -0.55 -10.38
CA THR A 33 0.07 -1.50 -11.36
C THR A 33 -0.25 -0.99 -12.76
N MET A 34 0.43 -1.55 -13.75
CA MET A 34 0.06 -1.31 -15.13
C MET A 34 0.35 -2.58 -15.87
N GLY A 35 -0.61 -3.03 -16.68
CA GLY A 35 -0.45 -4.27 -17.39
C GLY A 35 -0.52 -4.06 -18.89
N TRP A 36 0.13 -4.96 -19.60
CA TRP A 36 0.01 -5.05 -21.04
C TRP A 36 -0.82 -6.29 -21.33
N TYR A 37 -1.90 -6.08 -22.07
CA TYR A 37 -2.85 -7.11 -22.42
C TYR A 37 -2.71 -7.37 -23.87
N ARG A 38 -3.07 -8.56 -24.31
CA ARG A 38 -3.16 -8.74 -25.74
C ARG A 38 -4.41 -9.50 -26.09
N GLN A 39 -4.90 -9.21 -27.30
CA GLN A 39 -6.11 -9.87 -27.75
C GLN A 39 -5.86 -10.39 -29.16
N ALA A 40 -5.70 -11.70 -29.23
CA ALA A 40 -5.54 -12.38 -30.51
C ALA A 40 -6.89 -12.37 -31.21
N PRO A 41 -6.88 -12.55 -32.55
CA PRO A 41 -8.14 -12.51 -33.30
C PRO A 41 -9.19 -13.47 -32.75
N GLY A 42 -10.38 -12.95 -32.46
CA GLY A 42 -11.50 -13.78 -32.04
C GLY A 42 -11.42 -14.25 -30.61
N LYS A 43 -10.37 -13.83 -29.91
CA LYS A 43 -10.08 -14.33 -28.57
C LYS A 43 -10.33 -13.29 -27.49
N GLN A 44 -10.50 -13.77 -26.28
CA GLN A 44 -10.57 -12.94 -25.10
C GLN A 44 -9.26 -12.18 -24.94
N ARG A 45 -9.37 -10.97 -24.42
CA ARG A 45 -8.19 -10.20 -24.11
C ARG A 45 -7.56 -10.74 -22.83
N ASP A 46 -6.26 -11.03 -22.86
CA ASP A 46 -5.57 -11.55 -21.69
C ASP A 46 -4.39 -10.69 -21.29
N LEU A 47 -4.15 -10.65 -19.99
CA LEU A 47 -3.01 -9.96 -19.45
C LEU A 47 -1.75 -10.78 -19.71
N VAL A 48 -0.69 -10.17 -20.22
CA VAL A 48 0.51 -10.97 -20.48
C VAL A 48 1.74 -10.44 -19.75
N ALA A 49 1.73 -9.16 -19.38
CA ALA A 49 2.82 -8.61 -18.59
C ALA A 49 2.30 -7.50 -17.68
N ILE A 50 2.83 -7.47 -16.47
CA ILE A 50 2.33 -6.48 -15.50
C ILE A 50 3.51 -5.99 -14.69
N ILE A 51 3.45 -4.71 -14.32
CA ILE A 51 4.50 -4.08 -13.56
C ILE A 51 3.85 -3.31 -12.41
N SER A 52 4.51 -3.29 -11.25
CA SER A 52 3.97 -2.58 -10.09
C SER A 52 4.60 -1.20 -10.03
N SER A 53 4.06 -0.33 -9.21
CA SER A 53 4.67 0.98 -9.02
C SER A 53 6.12 0.80 -8.56
N GLY A 54 6.37 -0.24 -7.77
CA GLY A 54 7.70 -0.48 -7.24
C GLY A 54 8.66 -1.03 -8.28
N GLY A 55 8.11 -1.44 -9.43
CA GLY A 55 8.92 -1.93 -10.52
C GLY A 55 8.94 -3.44 -10.61
N SER A 56 8.20 -4.08 -9.72
CA SER A 56 8.03 -5.53 -9.77
C SER A 56 7.34 -5.91 -11.05
N THR A 57 7.66 -7.08 -11.57
CA THR A 57 7.09 -7.49 -12.83
C THR A 57 6.60 -8.92 -12.82
N ASP A 58 5.64 -9.21 -13.69
CA ASP A 58 5.16 -10.56 -13.83
C ASP A 58 4.74 -10.76 -15.26
N TYR A 59 4.85 -11.99 -15.72
CA TYR A 59 4.68 -12.33 -17.12
C TYR A 59 3.86 -13.58 -17.30
N ALA A 60 3.02 -13.56 -18.34
CA ALA A 60 2.35 -14.78 -18.78
C ALA A 60 3.41 -15.76 -19.29
N ASP A 61 3.21 -17.06 -19.03
CA ASP A 61 4.15 -18.09 -19.46
C ASP A 61 4.55 -17.96 -20.93
N SER A 62 3.58 -17.64 -21.77
CA SER A 62 3.81 -17.60 -23.21
C SER A 62 4.82 -16.51 -23.64
N VAL A 63 5.03 -15.50 -22.82
CA VAL A 63 5.88 -14.40 -23.22
C VAL A 63 7.12 -14.24 -22.33
N LYS A 64 7.23 -15.08 -21.30
CA LYS A 64 8.39 -15.08 -20.41
C LYS A 64 9.71 -15.21 -21.15
N GLY A 65 10.68 -14.38 -20.77
CA GLY A 65 12.00 -14.44 -21.38
C GLY A 65 12.08 -13.76 -22.74
N ARG A 66 10.93 -13.38 -23.30
CA ARG A 66 10.90 -12.74 -24.61
C ARG A 66 10.40 -11.32 -24.51
N PHE A 67 9.41 -11.11 -23.65
CA PHE A 67 8.87 -9.77 -23.50
C PHE A 67 9.36 -9.22 -22.18
N THR A 68 9.59 -7.91 -22.13
CA THR A 68 10.07 -7.28 -20.92
C THR A 68 9.27 -6.03 -20.68
N ILE A 69 8.62 -5.96 -19.53
CA ILE A 69 7.87 -4.77 -19.19
C ILE A 69 8.70 -3.92 -18.28
N SER A 70 8.64 -2.61 -18.50
CA SER A 70 9.43 -1.66 -17.71
C SER A 70 8.66 -0.36 -17.65
N ARG A 71 9.04 0.50 -16.72
CA ARG A 71 8.36 1.78 -16.61
C ARG A 71 9.39 2.90 -16.48
N ASP A 72 9.04 4.05 -17.01
CA ASP A 72 9.80 5.27 -16.79
C ASP A 72 8.86 6.22 -16.07
N ASN A 73 9.11 6.42 -14.78
CA ASN A 73 8.21 7.23 -13.97
C ASN A 73 8.20 8.68 -14.41
N ALA A 74 9.38 9.19 -14.77
CA ALA A 74 9.51 10.56 -15.21
C ALA A 74 8.63 10.83 -16.43
N LYS A 75 8.50 9.83 -17.30
N LYS A 75 8.50 9.83 -17.30
CA LYS A 75 7.73 9.98 -18.52
CA LYS A 75 7.73 9.99 -18.52
C LYS A 75 6.32 9.41 -18.37
C LYS A 75 6.35 9.35 -18.40
N ASN A 76 6.03 8.82 -17.21
CA ASN A 76 4.77 8.12 -16.96
C ASN A 76 4.41 7.12 -18.03
N THR A 77 5.40 6.35 -18.41
CA THR A 77 5.25 5.44 -19.51
C THR A 77 5.69 4.07 -19.10
N VAL A 78 4.90 3.09 -19.50
CA VAL A 78 5.22 1.69 -19.30
C VAL A 78 5.48 1.08 -20.67
N TYR A 79 6.62 0.43 -20.79
CA TYR A 79 7.06 -0.14 -22.05
C TYR A 79 6.91 -1.64 -22.06
N LEU A 80 6.68 -2.20 -23.26
CA LEU A 80 6.78 -3.63 -23.43
C LEU A 80 7.80 -3.89 -24.51
N GLN A 81 9.00 -4.29 -24.14
CA GLN A 81 9.99 -4.67 -25.12
C GLN A 81 9.62 -6.06 -25.58
N MET A 82 9.34 -6.22 -26.87
CA MET A 82 8.95 -7.54 -27.37
C MET A 82 10.02 -8.08 -28.28
N ASP A 83 10.71 -9.12 -27.83
CA ASP A 83 11.81 -9.70 -28.60
C ASP A 83 11.42 -11.09 -29.05
N SER A 84 12.13 -11.62 -30.04
CA SER A 84 11.92 -12.99 -30.48
C SER A 84 10.46 -13.24 -30.81
N LEU A 85 9.87 -12.27 -31.52
CA LEU A 85 8.47 -12.32 -31.84
C LEU A 85 8.12 -13.51 -32.68
N LYS A 86 6.95 -14.07 -32.40
N LYS A 86 6.98 -14.11 -32.39
CA LYS A 86 6.45 -15.24 -33.11
CA LYS A 86 6.52 -15.26 -33.18
C LYS A 86 5.10 -14.89 -33.72
C LYS A 86 5.11 -14.96 -33.67
N PRO A 87 4.70 -15.60 -34.79
CA PRO A 87 3.37 -15.38 -35.35
C PRO A 87 2.27 -15.50 -34.31
N GLU A 88 2.45 -16.40 -33.35
CA GLU A 88 1.54 -16.58 -32.21
C GLU A 88 1.34 -15.32 -31.36
N ASP A 89 2.27 -14.36 -31.48
CA ASP A 89 2.19 -13.11 -30.73
C ASP A 89 1.31 -12.07 -31.43
N THR A 90 0.85 -12.37 -32.64
CA THR A 90 -0.01 -11.45 -33.37
C THR A 90 -1.30 -11.19 -32.59
N ALA A 91 -1.60 -9.92 -32.37
CA ALA A 91 -2.71 -9.52 -31.50
C ALA A 91 -2.73 -8.02 -31.42
N ILE A 92 -3.84 -7.47 -30.98
CA ILE A 92 -3.82 -6.07 -30.59
C ILE A 92 -3.45 -6.03 -29.12
N TYR A 93 -2.43 -5.23 -28.80
CA TYR A 93 -1.93 -5.11 -27.46
C TYR A 93 -2.51 -3.88 -26.82
N TYR A 94 -2.90 -3.99 -25.55
CA TYR A 94 -3.46 -2.87 -24.82
C TYR A 94 -2.82 -2.74 -23.45
N CYS A 95 -2.70 -1.52 -22.96
CA CYS A 95 -2.29 -1.36 -21.58
C CYS A 95 -3.46 -0.86 -20.72
N ASN A 96 -3.46 -1.31 -19.49
CA ASN A 96 -4.49 -0.89 -18.55
C ASN A 96 -4.12 -1.43 -17.21
N ALA A 97 -4.83 -0.96 -16.18
CA ALA A 97 -4.62 -1.44 -14.85
C ALA A 97 -5.96 -1.91 -14.34
N ARG A 98 -6.00 -3.08 -13.77
CA ARG A 98 -7.23 -3.52 -13.22
C ARG A 98 -7.42 -2.92 -11.84
N VAL A 99 -8.61 -2.41 -11.61
CA VAL A 99 -8.94 -1.79 -10.34
C VAL A 99 -10.20 -2.48 -9.87
N GLY A 100 -10.04 -3.53 -9.07
CA GLY A 100 -11.18 -4.34 -8.69
C GLY A 100 -11.66 -5.18 -9.86
N ILE A 101 -12.94 -5.03 -10.20
CA ILE A 101 -13.55 -5.72 -11.34
C ILE A 101 -13.26 -4.89 -12.58
N THR A 102 -13.31 -3.58 -12.41
CA THR A 102 -13.22 -2.70 -13.55
C THR A 102 -11.78 -2.25 -13.81
N MET A 103 -11.59 -1.39 -14.80
CA MET A 103 -10.25 -0.96 -15.16
C MET A 103 -10.02 0.47 -14.73
N LEU A 104 -8.75 0.79 -14.54
CA LEU A 104 -8.33 2.14 -14.26
C LEU A 104 -8.81 3.13 -15.31
N ALA A 105 -8.74 2.72 -16.58
CA ALA A 105 -8.98 3.65 -17.68
C ALA A 105 -9.87 3.00 -18.72
N HIS A 106 -10.56 3.81 -19.51
CA HIS A 106 -11.24 3.27 -20.69
C HIS A 106 -10.17 2.66 -21.58
N TRP A 107 -10.44 1.48 -22.10
CA TRP A 107 -9.49 0.84 -23.00
C TRP A 107 -9.20 1.77 -24.18
N GLY A 108 -7.92 1.89 -24.54
CA GLY A 108 -7.53 2.63 -25.72
C GLY A 108 -7.78 1.77 -26.96
N GLN A 109 -7.35 2.27 -28.11
CA GLN A 109 -7.47 1.53 -29.36
C GLN A 109 -6.46 0.40 -29.41
N GLY A 110 -5.53 0.40 -28.46
CA GLY A 110 -4.47 -0.58 -28.47
C GLY A 110 -3.49 -0.35 -29.61
N THR A 111 -2.55 -1.26 -29.75
CA THR A 111 -1.56 -1.14 -30.82
C THR A 111 -1.46 -2.52 -31.43
N GLN A 112 -1.77 -2.59 -32.72
CA GLN A 112 -1.74 -3.84 -33.45
C GLN A 112 -0.34 -4.35 -33.56
N VAL A 113 -0.16 -5.64 -33.29
CA VAL A 113 1.12 -6.28 -33.53
C VAL A 113 0.85 -7.44 -34.48
N THR A 114 1.53 -7.44 -35.61
CA THR A 114 1.38 -8.51 -36.57
C THR A 114 2.76 -9.04 -36.87
N VAL A 115 2.95 -10.34 -36.68
CA VAL A 115 4.25 -10.96 -36.84
C VAL A 115 4.20 -11.90 -38.02
N SER A 116 4.90 -11.57 -39.10
CA SER A 116 4.77 -12.37 -40.32
C SER A 116 5.93 -13.37 -40.43
N SER A 117 5.73 -14.42 -41.21
CA SER A 117 6.73 -15.47 -41.33
C SER A 117 6.98 -15.88 -42.78
N GLN B 1 4.79 13.13 13.14
CA GLN B 1 5.33 12.09 14.02
C GLN B 1 4.20 11.44 14.79
N VAL B 2 4.40 10.20 15.22
CA VAL B 2 3.38 9.49 15.99
C VAL B 2 3.79 9.35 17.45
N GLN B 3 2.88 9.69 18.35
CA GLN B 3 3.09 9.44 19.77
C GLN B 3 2.16 8.32 20.20
N LEU B 4 2.68 7.35 20.94
CA LEU B 4 1.86 6.24 21.43
C LEU B 4 1.71 6.33 22.93
N GLN B 5 0.49 6.15 23.42
CA GLN B 5 0.28 6.10 24.85
C GLN B 5 -0.26 4.73 25.25
N GLU B 6 0.52 4.01 26.05
CA GLU B 6 0.14 2.67 26.52
C GLU B 6 -0.52 2.72 27.88
N SER B 7 -1.54 1.88 28.05
CA SER B 7 -2.24 1.81 29.34
C SER B 7 -2.94 0.46 29.41
N GLY B 8 -3.41 0.10 30.59
CA GLY B 8 -4.26 -1.06 30.76
C GLY B 8 -3.62 -2.18 31.53
N GLY B 9 -2.30 -2.09 31.72
CA GLY B 9 -1.60 -3.18 32.39
C GLY B 9 -1.76 -3.13 33.90
N GLY B 10 -1.04 -4.02 34.56
CA GLY B 10 -1.05 -4.05 36.02
C GLY B 10 -1.00 -5.47 36.47
N LEU B 11 -1.45 -5.68 37.70
CA LEU B 11 -1.41 -6.99 38.31
C LEU B 11 -2.77 -7.69 38.11
N VAL B 12 -2.74 -9.01 37.92
CA VAL B 12 -3.96 -9.75 37.65
C VAL B 12 -3.74 -11.21 38.02
N GLN B 13 -4.78 -11.85 38.55
CA GLN B 13 -4.67 -13.25 38.89
C GLN B 13 -4.66 -14.09 37.62
N ALA B 14 -3.98 -15.24 37.68
CA ALA B 14 -3.98 -16.20 36.56
C ALA B 14 -5.40 -16.62 36.23
N GLY B 15 -5.69 -16.78 34.94
CA GLY B 15 -7.04 -17.05 34.49
C GLY B 15 -7.79 -15.74 34.29
N GLY B 16 -7.19 -14.66 34.79
CA GLY B 16 -7.79 -13.34 34.70
C GLY B 16 -7.61 -12.69 33.34
N SER B 17 -8.14 -11.48 33.20
CA SER B 17 -8.07 -10.74 31.95
C SER B 17 -7.59 -9.32 32.16
N LEU B 18 -6.93 -8.80 31.14
CA LEU B 18 -6.60 -7.39 31.04
C LEU B 18 -6.80 -6.88 29.63
N ARG B 19 -7.00 -5.57 29.53
N ARG B 19 -7.09 -5.59 29.51
CA ARG B 19 -7.12 -4.94 28.22
CA ARG B 19 -7.09 -4.97 28.19
C ARG B 19 -6.07 -3.85 28.11
C ARG B 19 -6.05 -3.89 28.14
N LEU B 20 -5.09 -4.07 27.26
CA LEU B 20 -4.05 -3.09 27.05
C LEU B 20 -4.57 -2.14 26.00
N SER B 21 -4.19 -0.87 26.13
CA SER B 21 -4.59 0.10 25.15
C SER B 21 -3.35 0.79 24.60
N CYS B 22 -3.29 0.88 23.27
CA CYS B 22 -2.25 1.64 22.61
C CYS B 22 -2.91 2.78 21.85
N ALA B 23 -2.93 3.96 22.43
CA ALA B 23 -3.56 5.11 21.82
C ALA B 23 -2.53 5.93 21.06
N ALA B 24 -2.81 6.24 19.81
CA ALA B 24 -1.86 6.97 18.99
C ALA B 24 -2.34 8.38 18.74
N SER B 25 -1.39 9.33 18.69
CA SER B 25 -1.68 10.71 18.30
C SER B 25 -0.59 11.17 17.33
N GLY B 26 -0.83 12.30 16.67
CA GLY B 26 0.10 12.80 15.68
C GLY B 26 -0.32 12.34 14.28
N SER B 27 0.66 12.07 13.42
CA SER B 27 0.37 11.66 12.06
C SER B 27 -0.05 10.19 12.04
N THR B 28 -1.21 9.94 12.62
CA THR B 28 -1.71 8.59 12.79
C THR B 28 -2.40 8.02 11.54
N PHE B 29 -2.80 8.90 10.63
CA PHE B 29 -3.59 8.49 9.47
C PHE B 29 -2.90 7.41 8.62
N GLY B 30 -1.59 7.52 8.47
CA GLY B 30 -0.89 6.58 7.62
C GLY B 30 -0.31 5.34 8.30
N ILE B 31 -0.80 4.99 9.47
CA ILE B 31 -0.20 3.86 10.18
C ILE B 31 -0.61 2.54 9.54
N ARG B 32 0.36 1.75 9.12
CA ARG B 32 0.08 0.53 8.38
C ARG B 32 -0.14 -0.65 9.30
N THR B 33 0.69 -0.76 10.33
CA THR B 33 0.55 -1.84 11.28
C THR B 33 0.75 -1.29 12.67
N MET B 34 0.30 -2.04 13.66
CA MET B 34 0.60 -1.70 15.02
C MET B 34 0.73 -3.01 15.76
N GLY B 35 1.68 -3.08 16.68
CA GLY B 35 1.93 -4.37 17.28
C GLY B 35 2.07 -4.26 18.77
N TRP B 36 1.79 -5.36 19.45
CA TRP B 36 2.08 -5.43 20.85
C TRP B 36 3.24 -6.38 21.07
N TYR B 37 4.29 -5.86 21.68
CA TYR B 37 5.49 -6.61 22.00
C TYR B 37 5.47 -6.94 23.48
N ARG B 38 6.20 -7.97 23.86
CA ARG B 38 6.34 -8.18 25.28
C ARG B 38 7.73 -8.70 25.60
N GLN B 39 8.18 -8.37 26.80
CA GLN B 39 9.50 -8.75 27.25
C GLN B 39 9.46 -9.25 28.67
N ALA B 40 9.63 -10.55 28.81
CA ALA B 40 9.60 -11.19 30.11
C ALA B 40 10.94 -10.97 30.79
N PRO B 41 10.97 -11.03 32.13
CA PRO B 41 12.22 -10.82 32.86
C PRO B 41 13.33 -11.71 32.31
N GLY B 42 14.46 -11.09 32.01
CA GLY B 42 15.63 -11.82 31.53
C GLY B 42 15.51 -12.36 30.12
N LYS B 43 14.36 -12.18 29.47
CA LYS B 43 14.13 -12.76 28.14
C LYS B 43 14.10 -11.70 27.02
N GLN B 44 14.08 -12.16 25.78
CA GLN B 44 14.07 -11.26 24.61
C GLN B 44 12.74 -10.57 24.49
N ARG B 45 12.73 -9.41 23.86
CA ARG B 45 11.47 -8.76 23.55
C ARG B 45 10.85 -9.38 22.30
N ASP B 46 9.61 -9.84 22.40
CA ASP B 46 8.94 -10.54 21.30
C ASP B 46 7.68 -9.82 20.85
N LEU B 47 7.47 -9.77 19.54
CA LEU B 47 6.17 -9.37 19.02
C LEU B 47 5.18 -10.51 19.27
N VAL B 48 4.02 -10.21 19.87
CA VAL B 48 3.05 -11.27 20.14
C VAL B 48 1.71 -11.05 19.44
N ALA B 49 1.41 -9.81 19.05
CA ALA B 49 0.18 -9.58 18.31
C ALA B 49 0.34 -8.37 17.43
N ILE B 50 -0.24 -8.43 16.25
CA ILE B 50 -0.07 -7.31 15.32
C ILE B 50 -1.33 -7.14 14.51
N ILE B 51 -1.62 -5.89 14.11
CA ILE B 51 -2.84 -5.60 13.37
C ILE B 51 -2.48 -4.63 12.24
N SER B 52 -3.08 -4.83 11.07
CA SER B 52 -2.84 -3.93 9.94
C SER B 52 -3.93 -2.87 9.92
N SER B 53 -3.75 -1.83 9.13
CA SER B 53 -4.77 -0.79 9.03
C SER B 53 -6.10 -1.35 8.54
N GLY B 54 -6.04 -2.45 7.79
CA GLY B 54 -7.25 -3.05 7.24
C GLY B 54 -7.96 -3.93 8.25
N GLY B 55 -7.29 -4.25 9.34
CA GLY B 55 -7.90 -5.07 10.38
C GLY B 55 -7.37 -6.49 10.46
N SER B 56 -6.52 -6.85 9.51
N SER B 56 -6.51 -6.85 9.52
CA SER B 56 -5.88 -8.16 9.55
CA SER B 56 -5.90 -8.17 9.55
C SER B 56 -5.03 -8.28 10.80
C SER B 56 -5.03 -8.29 10.79
N THR B 57 -5.02 -9.48 11.38
CA THR B 57 -4.29 -9.69 12.62
C THR B 57 -3.41 -10.90 12.50
N ASP B 58 -2.41 -10.97 13.37
CA ASP B 58 -1.56 -12.13 13.46
C ASP B 58 -1.05 -12.21 14.89
N TYR B 59 -0.83 -13.43 15.38
CA TYR B 59 -0.44 -13.63 16.76
C TYR B 59 0.72 -14.62 16.90
N ALA B 60 1.52 -14.45 17.95
CA ALA B 60 2.47 -15.46 18.37
C ALA B 60 1.69 -16.70 18.82
N ASP B 61 2.23 -17.88 18.55
CA ASP B 61 1.59 -19.14 18.94
C ASP B 61 1.25 -19.16 20.43
N SER B 62 2.14 -18.61 21.25
CA SER B 62 1.98 -18.68 22.70
C SER B 62 0.78 -17.86 23.23
N VAL B 63 0.20 -17.01 22.38
CA VAL B 63 -0.92 -16.19 22.83
C VAL B 63 -2.17 -16.40 21.98
N LYS B 64 -2.07 -17.20 20.91
CA LYS B 64 -3.22 -17.46 20.06
C LYS B 64 -4.41 -17.99 20.85
N GLY B 65 -5.59 -17.46 20.54
CA GLY B 65 -6.80 -17.92 21.15
C GLY B 65 -7.05 -17.31 22.53
N ARG B 66 -6.04 -16.65 23.09
CA ARG B 66 -6.21 -16.02 24.40
C ARG B 66 -6.15 -14.50 24.28
N PHE B 67 -5.27 -14.03 23.40
CA PHE B 67 -5.09 -12.61 23.20
C PHE B 67 -5.79 -12.21 21.92
N THR B 68 -6.40 -11.04 21.94
CA THR B 68 -7.03 -10.49 20.75
C THR B 68 -6.56 -9.07 20.55
N ILE B 69 -6.00 -8.79 19.39
CA ILE B 69 -5.65 -7.42 19.09
C ILE B 69 -6.77 -6.85 18.20
N SER B 70 -7.14 -5.60 18.47
CA SER B 70 -8.18 -4.96 17.67
C SER B 70 -7.85 -3.47 17.60
N ARG B 71 -8.54 -2.76 16.72
CA ARG B 71 -8.35 -1.32 16.65
C ARG B 71 -9.69 -0.63 16.58
N ASP B 72 -9.74 0.53 17.20
CA ASP B 72 -10.86 1.43 17.08
C ASP B 72 -10.33 2.67 16.35
N ASN B 73 -10.69 2.82 15.07
CA ASN B 73 -10.18 3.91 14.26
C ASN B 73 -10.60 5.28 14.79
N ALA B 74 -11.83 5.37 15.28
CA ALA B 74 -12.39 6.62 15.78
C ALA B 74 -11.64 7.12 17.01
N LYS B 75 -10.99 6.20 17.72
CA LYS B 75 -10.21 6.54 18.91
C LYS B 75 -8.72 6.46 18.66
N ASN B 76 -8.32 6.13 17.43
CA ASN B 76 -6.92 5.89 17.11
C ASN B 76 -6.24 5.02 18.16
N THR B 77 -6.91 3.95 18.53
CA THR B 77 -6.42 3.10 19.60
C THR B 77 -6.38 1.65 19.19
N VAL B 78 -5.30 0.98 19.54
CA VAL B 78 -5.19 -0.45 19.32
C VAL B 78 -5.21 -1.15 20.66
N TYR B 79 -6.07 -2.14 20.77
CA TYR B 79 -6.29 -2.80 22.04
C TYR B 79 -5.71 -4.18 22.01
N LEU B 80 -5.27 -4.64 23.17
CA LEU B 80 -4.86 -6.01 23.29
C LEU B 80 -5.67 -6.59 24.40
N GLN B 81 -6.69 -7.34 24.02
CA GLN B 81 -7.53 -8.04 24.98
C GLN B 81 -6.80 -9.29 25.39
N MET B 82 -6.38 -9.36 26.66
CA MET B 82 -5.63 -10.49 27.17
C MET B 82 -6.47 -11.31 28.09
N ASP B 83 -6.93 -12.47 27.61
CA ASP B 83 -7.74 -13.34 28.43
C ASP B 83 -6.96 -14.57 28.83
N SER B 84 -7.47 -15.29 29.81
CA SER B 84 -6.89 -16.56 30.26
C SER B 84 -5.39 -16.38 30.54
N LEU B 85 -5.09 -15.31 31.27
CA LEU B 85 -3.72 -14.93 31.53
C LEU B 85 -3.01 -15.99 32.35
N LYS B 86 -1.78 -16.24 31.96
CA LYS B 86 -0.92 -17.24 32.61
CA LYS B 86 -0.93 -17.23 32.61
C LYS B 86 0.27 -16.53 33.23
N PRO B 87 0.90 -17.16 34.24
CA PRO B 87 2.07 -16.48 34.80
C PRO B 87 3.15 -16.25 33.75
N GLU B 88 3.16 -17.10 32.71
CA GLU B 88 4.11 -17.01 31.60
C GLU B 88 3.91 -15.73 30.78
N ASP B 89 2.76 -15.09 30.96
CA ASP B 89 2.44 -13.85 30.25
C ASP B 89 2.98 -12.61 30.95
N THR B 90 3.59 -12.80 32.11
CA THR B 90 4.17 -11.71 32.86
C THR B 90 5.29 -11.08 32.06
N ALA B 91 5.16 -9.80 31.77
CA ALA B 91 6.15 -9.11 30.97
C ALA B 91 5.82 -7.64 30.97
N ILE B 92 6.76 -6.82 30.53
CA ILE B 92 6.44 -5.46 30.14
C ILE B 92 5.97 -5.52 28.69
N TYR B 93 4.79 -4.97 28.44
CA TYR B 93 4.25 -4.98 27.09
C TYR B 93 4.45 -3.61 26.49
N TYR B 94 4.78 -3.59 25.20
CA TYR B 94 5.11 -2.36 24.51
C TYR B 94 4.30 -2.33 23.24
N CYS B 95 3.79 -1.15 22.90
N CYS B 95 3.77 -1.19 22.88
CA CYS B 95 3.11 -0.95 21.63
CA CYS B 95 3.23 -1.16 21.55
C CYS B 95 4.00 -0.17 20.66
C CYS B 95 4.08 -0.27 20.69
N ASN B 96 4.21 -0.70 19.45
CA ASN B 96 5.05 -0.01 18.47
C ASN B 96 4.84 -0.62 17.11
N ALA B 97 5.43 0.02 16.12
CA ALA B 97 5.33 -0.52 14.79
C ALA B 97 6.74 -0.52 14.25
N ARG B 98 7.16 -1.63 13.67
CA ARG B 98 8.48 -1.68 13.09
C ARG B 98 8.40 -1.06 11.71
N VAL B 99 9.27 -0.08 11.44
CA VAL B 99 9.29 0.56 10.15
C VAL B 99 10.63 0.21 9.51
N GLY B 100 10.64 -0.88 8.76
CA GLY B 100 11.88 -1.49 8.34
C GLY B 100 12.59 -2.14 9.51
N ILE B 101 13.63 -1.45 9.99
CA ILE B 101 14.35 -1.90 11.16
C ILE B 101 14.07 -0.95 12.32
N THR B 102 13.86 0.31 11.96
CA THR B 102 13.53 1.40 12.89
C THR B 102 12.08 1.30 13.38
N MET B 103 11.83 1.63 14.64
CA MET B 103 10.44 1.61 15.10
C MET B 103 9.77 2.92 14.73
N LEU B 104 8.46 2.86 14.59
CA LEU B 104 7.67 4.06 14.33
C LEU B 104 7.84 5.10 15.45
N ALA B 105 7.85 4.64 16.69
CA ALA B 105 8.02 5.53 17.83
C ALA B 105 9.14 5.02 18.72
N HIS B 106 9.68 5.91 19.55
CA HIS B 106 10.58 5.49 20.60
C HIS B 106 9.87 4.43 21.45
N TRP B 107 10.61 3.40 21.86
CA TRP B 107 10.03 2.38 22.73
C TRP B 107 9.51 3.04 23.98
N GLY B 108 8.21 2.88 24.22
CA GLY B 108 7.57 3.55 25.35
C GLY B 108 8.02 3.03 26.70
N GLN B 109 7.40 3.56 27.76
CA GLN B 109 7.59 3.04 29.10
C GLN B 109 7.30 1.56 29.13
N GLY B 110 6.44 1.15 28.22
CA GLY B 110 5.89 -0.18 28.25
C GLY B 110 4.84 -0.19 29.32
N THR B 111 4.01 -1.23 29.33
N THR B 111 4.14 -1.32 29.41
CA THR B 111 3.02 -1.38 30.39
CA THR B 111 3.02 -1.45 30.31
C THR B 111 3.23 -2.72 31.07
C THR B 111 3.15 -2.76 31.09
N GLN B 112 3.48 -2.65 32.38
CA GLN B 112 3.75 -3.85 33.15
C GLN B 112 2.51 -4.72 33.23
N VAL B 113 2.68 -5.98 32.89
CA VAL B 113 1.64 -6.96 33.14
C VAL B 113 2.25 -8.02 34.03
N THR B 114 1.63 -8.23 35.18
CA THR B 114 2.11 -9.24 36.09
C THR B 114 0.98 -10.21 36.40
N VAL B 115 1.18 -11.48 36.09
CA VAL B 115 0.18 -12.50 36.35
C VAL B 115 0.61 -13.41 37.50
N SER B 116 -0.12 -13.31 38.61
CA SER B 116 0.19 -14.10 39.80
C SER B 116 -0.47 -15.47 39.72
N SER B 117 0.17 -16.48 40.31
CA SER B 117 -0.41 -17.82 40.34
C SER B 117 -1.60 -17.88 41.30
N GLN C 1 9.88 8.06 13.97
CA GLN C 1 9.79 9.47 13.63
C GLN C 1 10.77 9.82 12.52
N VAL C 2 10.39 10.82 11.71
CA VAL C 2 11.17 11.24 10.57
C VAL C 2 11.61 12.68 10.74
N GLN C 3 12.90 12.92 10.54
CA GLN C 3 13.45 14.27 10.51
C GLN C 3 13.78 14.63 9.08
N LEU C 4 13.50 15.88 8.71
CA LEU C 4 13.77 16.30 7.35
C LEU C 4 14.74 17.47 7.34
N GLN C 5 15.78 17.35 6.53
CA GLN C 5 16.75 18.40 6.43
C GLN C 5 16.73 18.98 5.01
N GLU C 6 16.34 20.25 4.95
CA GLU C 6 16.18 20.98 3.70
C GLU C 6 17.36 21.90 3.39
N SER C 7 17.81 21.88 2.14
CA SER C 7 18.90 22.75 1.76
C SER C 7 18.85 23.03 0.28
N GLY C 8 19.68 23.97 -0.15
CA GLY C 8 19.85 24.19 -1.57
C GLY C 8 19.28 25.48 -2.09
N GLY C 9 18.44 26.13 -1.29
CA GLY C 9 17.81 27.35 -1.72
C GLY C 9 18.73 28.57 -1.64
N GLY C 10 18.19 29.71 -2.00
CA GLY C 10 18.96 30.94 -1.91
C GLY C 10 18.52 31.94 -2.95
N LEU C 11 19.43 32.85 -3.27
CA LEU C 11 19.13 33.90 -4.22
C LEU C 11 19.66 33.48 -5.58
N VAL C 12 18.85 33.68 -6.62
CA VAL C 12 19.22 33.23 -7.96
C VAL C 12 18.58 34.12 -9.01
N GLN C 13 19.27 34.31 -10.13
CA GLN C 13 18.78 35.15 -11.22
C GLN C 13 17.64 34.46 -11.97
N ALA C 14 16.70 35.24 -12.49
CA ALA C 14 15.62 34.66 -13.29
C ALA C 14 16.24 33.89 -14.44
N GLY C 15 15.66 32.72 -14.74
CA GLY C 15 16.19 31.86 -15.78
C GLY C 15 17.23 30.90 -15.24
N GLY C 16 17.66 31.15 -14.01
CA GLY C 16 18.65 30.30 -13.38
C GLY C 16 18.06 29.05 -12.76
N SER C 17 18.90 28.31 -12.06
CA SER C 17 18.56 27.02 -11.52
C SER C 17 18.97 26.90 -10.05
N LEU C 18 18.20 26.15 -9.29
CA LEU C 18 18.61 25.73 -7.96
C LEU C 18 18.33 24.26 -7.83
N ARG C 19 19.04 23.58 -6.94
CA ARG C 19 18.68 22.22 -6.61
C ARG C 19 18.43 22.08 -5.13
N LEU C 20 17.18 21.84 -4.77
CA LEU C 20 16.81 21.67 -3.36
C LEU C 20 16.98 20.22 -2.95
N SER C 21 17.40 20.03 -1.72
N SER C 21 17.39 20.02 -1.72
CA SER C 21 17.61 18.69 -1.18
CA SER C 21 17.60 18.69 -1.18
C SER C 21 16.79 18.53 0.07
C SER C 21 16.80 18.51 0.08
N CYS C 22 16.15 17.38 0.19
CA CYS C 22 15.39 17.06 1.38
C CYS C 22 15.89 15.72 1.90
N ALA C 23 16.82 15.77 2.82
CA ALA C 23 17.42 14.58 3.40
C ALA C 23 16.59 14.12 4.60
N ALA C 24 16.21 12.86 4.60
CA ALA C 24 15.35 12.28 5.63
C ALA C 24 16.16 11.38 6.55
N SER C 25 15.87 11.44 7.85
CA SER C 25 16.49 10.53 8.80
C SER C 25 15.41 9.98 9.72
N GLY C 26 15.71 8.90 10.44
CA GLY C 26 14.75 8.28 11.33
C GLY C 26 14.04 7.13 10.66
N SER C 27 12.76 6.96 10.98
CA SER C 27 11.97 5.85 10.45
C SER C 27 11.57 6.13 9.00
N THR C 28 12.56 6.22 8.13
CA THR C 28 12.37 6.63 6.74
C THR C 28 11.89 5.49 5.86
N PHE C 29 12.03 4.25 6.34
CA PHE C 29 11.74 3.11 5.48
C PHE C 29 10.30 3.13 4.95
N GLY C 30 9.35 3.55 5.78
CA GLY C 30 7.96 3.49 5.41
C GLY C 30 7.37 4.73 4.76
N ILE C 31 8.20 5.61 4.22
CA ILE C 31 7.70 6.86 3.63
C ILE C 31 7.11 6.61 2.24
N ARG C 32 5.80 6.84 2.13
CA ARG C 32 5.05 6.56 0.90
C ARG C 32 5.21 7.67 -0.11
N THR C 33 5.27 8.91 0.37
CA THR C 33 5.47 10.03 -0.54
C THR C 33 6.33 11.08 0.12
N MET C 34 6.84 11.99 -0.69
CA MET C 34 7.52 13.13 -0.16
C MET C 34 7.24 14.28 -1.08
N GLY C 35 6.95 15.46 -0.54
CA GLY C 35 6.62 16.56 -1.40
C GLY C 35 7.41 17.79 -1.10
N TRP C 36 7.49 18.65 -2.12
CA TRP C 36 8.05 19.98 -1.95
C TRP C 36 6.89 20.95 -2.00
N TYR C 37 6.74 21.71 -0.92
CA TYR C 37 5.72 22.73 -0.81
C TYR C 37 6.40 24.07 -0.95
N ARG C 38 5.67 25.09 -1.34
CA ARG C 38 6.25 26.42 -1.29
C ARG C 38 5.21 27.39 -0.79
N GLN C 39 5.70 28.36 -0.03
CA GLN C 39 4.85 29.35 0.60
C GLN C 39 5.43 30.72 0.31
N ALA C 40 4.71 31.51 -0.49
CA ALA C 40 5.09 32.88 -0.77
C ALA C 40 4.36 33.79 0.25
N PRO C 41 4.91 34.99 0.51
CA PRO C 41 4.23 35.87 1.46
C PRO C 41 2.78 36.08 1.06
N GLY C 42 1.88 35.96 2.03
CA GLY C 42 0.47 36.15 1.78
C GLY C 42 -0.24 34.98 1.12
N LYS C 43 0.51 34.12 0.45
CA LYS C 43 -0.12 33.01 -0.26
C LYS C 43 -0.04 31.73 0.57
N GLN C 44 -1.01 30.85 0.38
CA GLN C 44 -1.05 29.62 1.13
C GLN C 44 0.09 28.72 0.69
N ARG C 45 0.56 27.88 1.60
CA ARG C 45 1.60 26.92 1.31
C ARG C 45 1.04 25.87 0.37
N ASP C 46 1.61 25.76 -0.83
CA ASP C 46 1.05 24.87 -1.85
C ASP C 46 2.02 23.77 -2.24
N LEU C 47 1.47 22.61 -2.52
CA LEU C 47 2.28 21.46 -2.92
C LEU C 47 2.63 21.56 -4.41
N VAL C 48 3.90 21.65 -4.76
CA VAL C 48 4.21 21.88 -6.18
C VAL C 48 4.87 20.68 -6.86
N ALA C 49 5.37 19.74 -6.08
CA ALA C 49 5.99 18.55 -6.64
C ALA C 49 5.93 17.46 -5.61
N ILE C 50 5.61 16.25 -6.04
CA ILE C 50 5.52 15.17 -5.07
C ILE C 50 6.06 13.91 -5.72
N ILE C 51 6.67 13.05 -4.91
CA ILE C 51 7.20 11.81 -5.45
C ILE C 51 6.80 10.68 -4.51
N SER C 52 6.54 9.51 -5.08
CA SER C 52 6.12 8.36 -4.27
C SER C 52 7.32 7.45 -4.11
N SER C 53 7.23 6.49 -3.20
CA SER C 53 8.33 5.56 -2.99
C SER C 53 8.66 4.78 -4.26
N GLY C 54 7.66 4.60 -5.12
CA GLY C 54 7.85 3.90 -6.38
C GLY C 54 8.54 4.77 -7.42
N GLY C 55 8.68 6.07 -7.12
CA GLY C 55 9.30 6.98 -8.06
C GLY C 55 8.32 7.74 -8.92
N SER C 56 7.03 7.49 -8.74
N SER C 56 7.03 7.49 -8.77
N SER C 56 7.03 7.48 -8.77
CA SER C 56 6.00 8.25 -9.45
CA SER C 56 6.02 8.26 -9.48
CA SER C 56 6.03 8.25 -9.51
C SER C 56 6.06 9.71 -9.03
C SER C 56 6.08 9.71 -9.04
C SER C 56 6.10 9.70 -9.05
N THR C 57 5.83 10.62 -9.97
CA THR C 57 5.91 12.04 -9.66
C THR C 57 4.68 12.80 -10.10
N ASP C 58 4.46 13.96 -9.48
CA ASP C 58 3.39 14.84 -9.90
C ASP C 58 3.79 16.28 -9.61
N TYR C 59 3.27 17.19 -10.40
CA TYR C 59 3.70 18.59 -10.38
C TYR C 59 2.51 19.52 -10.44
N ALA C 60 2.59 20.62 -9.72
CA ALA C 60 1.65 21.71 -9.94
C ALA C 60 1.84 22.23 -11.37
N ASP C 61 0.76 22.68 -12.00
CA ASP C 61 0.82 23.15 -13.39
C ASP C 61 1.85 24.25 -13.58
N SER C 62 1.94 25.13 -12.59
CA SER C 62 2.83 26.27 -12.63
C SER C 62 4.31 25.90 -12.77
N VAL C 63 4.69 24.69 -12.38
CA VAL C 63 6.11 24.35 -12.42
C VAL C 63 6.41 23.19 -13.34
N LYS C 64 5.39 22.66 -14.01
CA LYS C 64 5.58 21.52 -14.88
C LYS C 64 6.57 21.85 -15.98
N GLY C 65 7.52 20.94 -16.21
CA GLY C 65 8.47 21.12 -17.28
C GLY C 65 9.63 22.01 -16.88
N ARG C 66 9.53 22.66 -15.71
CA ARG C 66 10.64 23.43 -15.17
C ARG C 66 11.23 22.77 -13.94
N PHE C 67 10.39 22.21 -13.08
CA PHE C 67 10.88 21.52 -11.89
C PHE C 67 10.86 20.01 -12.09
N THR C 68 11.82 19.34 -11.47
CA THR C 68 11.89 17.88 -11.52
C THR C 68 12.19 17.39 -10.11
N ILE C 69 11.26 16.61 -9.57
CA ILE C 69 11.47 15.98 -8.28
C ILE C 69 12.00 14.56 -8.51
N SER C 70 12.95 14.16 -7.68
CA SER C 70 13.60 12.87 -7.80
C SER C 70 14.01 12.42 -6.42
N ARG C 71 14.36 11.16 -6.29
CA ARG C 71 14.77 10.64 -5.01
C ARG C 71 15.95 9.71 -5.19
N ASP C 72 16.86 9.76 -4.24
CA ASP C 72 17.92 8.77 -4.12
C ASP C 72 17.58 7.97 -2.88
N ASN C 73 17.17 6.72 -3.05
CA ASN C 73 16.76 5.93 -1.90
C ASN C 73 17.92 5.67 -0.96
N ALA C 74 19.08 5.42 -1.54
CA ALA C 74 20.27 5.11 -0.76
C ALA C 74 20.66 6.28 0.12
N LYS C 75 20.38 7.49 -0.34
CA LYS C 75 20.69 8.68 0.44
C LYS C 75 19.50 9.22 1.21
N ASN C 76 18.37 8.55 1.08
CA ASN C 76 17.12 8.97 1.71
C ASN C 76 16.84 10.43 1.46
N THR C 77 17.03 10.83 0.22
CA THR C 77 16.97 12.24 -0.11
C THR C 77 16.08 12.45 -1.32
N VAL C 78 15.27 13.50 -1.24
CA VAL C 78 14.43 13.89 -2.33
C VAL C 78 14.94 15.24 -2.82
N TYR C 79 15.09 15.36 -4.13
CA TYR C 79 15.62 16.57 -4.74
C TYR C 79 14.55 17.28 -5.52
N LEU C 80 14.66 18.60 -5.55
CA LEU C 80 13.87 19.41 -6.44
C LEU C 80 14.81 20.19 -7.33
N GLN C 81 14.95 19.71 -8.55
CA GLN C 81 15.74 20.42 -9.52
C GLN C 81 14.86 21.53 -10.07
N MET C 82 15.24 22.77 -9.80
CA MET C 82 14.44 23.91 -10.22
C MET C 82 15.12 24.62 -11.37
N ASP C 83 14.60 24.45 -12.57
CA ASP C 83 15.17 25.11 -13.74
C ASP C 83 14.29 26.25 -14.20
N SER C 84 14.86 27.15 -14.99
CA SER C 84 14.11 28.24 -15.62
C SER C 84 13.27 28.99 -14.60
N LEU C 85 13.93 29.37 -13.51
CA LEU C 85 13.27 30.01 -12.39
C LEU C 85 12.74 31.37 -12.77
N LYS C 86 11.55 31.66 -12.27
CA LYS C 86 10.90 32.93 -12.53
C LYS C 86 10.70 33.59 -11.19
N PRO C 87 10.58 34.92 -11.17
CA PRO C 87 10.28 35.65 -9.93
C PRO C 87 9.04 35.07 -9.22
N GLU C 88 8.12 34.46 -9.96
CA GLU C 88 6.90 33.89 -9.36
C GLU C 88 7.20 32.66 -8.52
N ASP C 89 8.39 32.10 -8.68
CA ASP C 89 8.82 30.93 -7.92
C ASP C 89 9.38 31.31 -6.58
N THR C 90 9.45 32.61 -6.31
CA THR C 90 10.02 33.11 -5.06
C THR C 90 9.12 32.69 -3.91
N ALA C 91 9.70 32.03 -2.93
CA ALA C 91 8.94 31.48 -1.80
C ALA C 91 9.89 30.78 -0.86
N ILE C 92 9.38 30.41 0.30
CA ILE C 92 10.08 29.47 1.15
C ILE C 92 9.64 28.09 0.72
N TYR C 93 10.59 27.20 0.48
CA TYR C 93 10.22 25.86 0.04
C TYR C 93 10.41 24.89 1.19
N TYR C 94 9.41 24.04 1.39
CA TYR C 94 9.41 23.07 2.48
C TYR C 94 9.26 21.69 1.95
N CYS C 95 9.99 20.76 2.56
N CYS C 95 10.02 20.73 2.45
CA CYS C 95 9.90 19.34 2.27
CA CYS C 95 9.71 19.37 2.08
C CYS C 95 9.05 18.60 3.31
C CYS C 95 8.98 18.72 3.24
N ASN C 96 8.01 17.90 2.87
CA ASN C 96 7.17 17.19 3.84
C ASN C 96 6.22 16.23 3.14
N ALA C 97 5.58 15.39 3.94
CA ALA C 97 4.62 14.45 3.40
C ALA C 97 3.35 14.64 4.18
N ARG C 98 2.23 14.70 3.48
CA ARG C 98 0.94 14.86 4.11
C ARG C 98 0.46 13.50 4.59
N VAL C 99 0.16 13.38 5.87
CA VAL C 99 -0.32 12.10 6.40
C VAL C 99 -1.76 12.31 6.83
N GLY C 100 -2.67 12.19 5.88
CA GLY C 100 -4.03 12.59 6.13
C GLY C 100 -4.10 14.10 6.11
N ILE C 101 -4.29 14.70 7.26
CA ILE C 101 -4.25 16.13 7.33
C ILE C 101 -2.95 16.57 8.00
N THR C 102 -2.52 15.79 8.98
CA THR C 102 -1.28 16.03 9.70
C THR C 102 -0.09 15.78 8.77
N MET C 103 1.02 16.46 9.00
CA MET C 103 2.20 16.21 8.19
C MET C 103 3.04 15.11 8.86
N LEU C 104 3.85 14.43 8.07
CA LEU C 104 4.77 13.41 8.57
C LEU C 104 5.74 14.01 9.59
N ALA C 105 6.20 15.22 9.32
CA ALA C 105 7.10 15.89 10.26
C ALA C 105 6.68 17.32 10.45
N HIS C 106 7.06 17.90 11.58
CA HIS C 106 6.80 19.32 11.76
C HIS C 106 7.54 20.09 10.69
N TRP C 107 6.86 21.07 10.11
CA TRP C 107 7.47 21.91 9.08
C TRP C 107 8.82 22.41 9.52
N GLY C 108 9.85 22.09 8.74
CA GLY C 108 11.20 22.52 9.06
C GLY C 108 11.34 24.01 8.82
N GLN C 109 12.57 24.51 8.80
CA GLN C 109 12.79 25.91 8.52
C GLN C 109 12.44 26.22 7.08
N GLY C 110 12.47 25.19 6.26
CA GLY C 110 12.31 25.38 4.84
C GLY C 110 13.54 26.06 4.28
N THR C 111 13.52 26.34 3.00
CA THR C 111 14.67 26.90 2.34
C THR C 111 14.18 28.02 1.47
N GLN C 112 14.69 29.22 1.73
CA GLN C 112 14.25 30.38 0.98
C GLN C 112 14.71 30.24 -0.44
N VAL C 113 13.80 30.52 -1.35
CA VAL C 113 14.17 30.68 -2.76
C VAL C 113 13.76 32.07 -3.19
N THR C 114 14.72 32.86 -3.64
CA THR C 114 14.44 34.21 -4.12
C THR C 114 14.99 34.34 -5.53
N VAL C 115 14.09 34.62 -6.47
CA VAL C 115 14.49 34.72 -7.87
C VAL C 115 14.44 36.20 -8.25
N SER C 116 15.60 36.78 -8.55
CA SER C 116 15.68 38.22 -8.71
C SER C 116 15.42 38.68 -10.15
N SER C 117 15.35 40.00 -10.32
CA SER C 117 14.95 40.71 -11.54
C SER C 117 13.79 40.02 -12.24
N GLN D 1 -12.05 5.85 -13.94
CA GLN D 1 -12.66 7.13 -13.59
C GLN D 1 -13.66 6.97 -12.44
N VAL D 2 -13.71 7.97 -11.56
CA VAL D 2 -14.60 7.96 -10.41
C VAL D 2 -15.47 9.22 -10.40
N GLN D 3 -16.78 9.04 -10.27
CA GLN D 3 -17.71 10.15 -10.13
C GLN D 3 -18.15 10.30 -8.66
N LEU D 4 -18.27 11.53 -8.18
CA LEU D 4 -18.63 11.77 -6.78
C LEU D 4 -19.91 12.56 -6.66
N GLN D 5 -20.82 12.10 -5.81
CA GLN D 5 -22.11 12.76 -5.68
C GLN D 5 -22.31 13.31 -4.28
N GLU D 6 -22.42 14.62 -4.18
CA GLU D 6 -22.45 15.29 -2.89
C GLU D 6 -23.87 15.74 -2.54
N SER D 7 -24.24 15.55 -1.28
CA SER D 7 -25.55 15.97 -0.82
C SER D 7 -25.52 16.13 0.68
N GLY D 8 -26.58 16.72 1.22
CA GLY D 8 -26.77 16.75 2.65
C GLY D 8 -26.66 18.14 3.23
N GLY D 9 -26.15 19.08 2.42
CA GLY D 9 -25.95 20.43 2.87
C GLY D 9 -27.22 21.26 2.94
N GLY D 10 -27.06 22.51 3.32
CA GLY D 10 -28.15 23.46 3.30
C GLY D 10 -27.97 24.47 4.41
N LEU D 11 -29.08 25.04 4.83
CA LEU D 11 -29.08 26.04 5.89
C LEU D 11 -29.46 25.39 7.22
N VAL D 12 -28.76 25.79 8.28
CA VAL D 12 -28.93 25.19 9.60
C VAL D 12 -28.53 26.19 10.68
N GLN D 13 -29.23 26.15 11.81
CA GLN D 13 -28.91 27.03 12.94
C GLN D 13 -27.58 26.68 13.59
N ALA D 14 -26.91 27.67 14.17
CA ALA D 14 -25.73 27.41 14.99
C ALA D 14 -26.11 26.40 16.07
N GLY D 15 -25.24 25.42 16.28
CA GLY D 15 -25.48 24.39 17.27
C GLY D 15 -26.21 23.20 16.65
N GLY D 16 -26.65 23.39 15.41
CA GLY D 16 -27.37 22.37 14.69
C GLY D 16 -26.45 21.32 14.08
N SER D 17 -27.05 20.40 13.34
CA SER D 17 -26.32 19.31 12.72
C SER D 17 -26.65 19.16 11.27
N LEU D 18 -25.68 18.70 10.48
CA LEU D 18 -25.94 18.26 9.12
C LEU D 18 -25.19 16.97 8.89
N ARG D 19 -25.67 16.18 7.94
CA ARG D 19 -24.92 15.01 7.51
C ARG D 19 -24.68 15.07 6.02
N LEU D 20 -23.42 15.21 5.63
CA LEU D 20 -23.05 15.27 4.23
C LEU D 20 -22.82 13.87 3.74
N SER D 21 -23.19 13.62 2.49
N SER D 21 -23.23 13.60 2.51
CA SER D 21 -22.96 12.34 1.87
CA SER D 21 -22.93 12.33 1.88
C SER D 21 -22.12 12.51 0.60
C SER D 21 -22.09 12.52 0.62
N CYS D 22 -21.12 11.65 0.43
CA CYS D 22 -20.31 11.66 -0.76
C CYS D 22 -20.38 10.27 -1.34
N ALA D 23 -21.18 10.11 -2.39
CA ALA D 23 -21.39 8.81 -2.98
C ALA D 23 -20.54 8.69 -4.23
N ALA D 24 -19.83 7.57 -4.34
CA ALA D 24 -18.86 7.37 -5.40
C ALA D 24 -19.32 6.27 -6.35
N SER D 25 -18.91 6.41 -7.60
CA SER D 25 -19.17 5.40 -8.63
C SER D 25 -17.97 5.36 -9.56
N GLY D 26 -17.83 4.30 -10.33
CA GLY D 26 -16.70 4.16 -11.22
C GLY D 26 -15.66 3.23 -10.65
N SER D 27 -14.39 3.57 -10.84
CA SER D 27 -13.27 2.76 -10.37
C SER D 27 -13.01 2.98 -8.88
N THR D 28 -14.05 2.76 -8.08
CA THR D 28 -14.00 3.05 -6.66
C THR D 28 -13.17 2.08 -5.84
N PHE D 29 -12.94 0.88 -6.38
CA PHE D 29 -12.25 -0.13 -5.58
C PHE D 29 -10.87 0.33 -5.14
N GLY D 30 -10.19 1.08 -6.00
CA GLY D 30 -8.84 1.56 -5.71
C GLY D 30 -8.71 2.83 -4.89
N ILE D 31 -9.81 3.32 -4.33
CA ILE D 31 -9.76 4.59 -3.58
C ILE D 31 -9.12 4.42 -2.19
N ARG D 32 -7.94 4.99 -2.04
CA ARG D 32 -7.13 4.88 -0.82
C ARG D 32 -7.69 5.76 0.27
N THR D 33 -8.12 6.95 -0.12
CA THR D 33 -8.64 7.92 0.82
C THR D 33 -9.80 8.67 0.21
N MET D 34 -10.58 9.32 1.06
CA MET D 34 -11.61 10.25 0.59
C MET D 34 -11.68 11.37 1.60
N GLY D 35 -11.69 12.60 1.10
CA GLY D 35 -11.66 13.73 2.00
C GLY D 35 -12.83 14.64 1.79
N TRP D 36 -13.20 15.35 2.86
CA TRP D 36 -14.15 16.45 2.76
C TRP D 36 -13.40 17.76 2.87
N TYR D 37 -13.51 18.56 1.82
CA TYR D 37 -12.82 19.83 1.72
C TYR D 37 -13.86 20.92 1.89
N ARG D 38 -13.49 22.06 2.45
CA ARG D 38 -14.45 23.16 2.41
C ARG D 38 -13.77 24.43 1.93
N GLN D 39 -14.59 25.27 1.30
CA GLN D 39 -14.13 26.51 0.71
C GLN D 39 -15.15 27.59 1.04
N ALA D 40 -14.73 28.52 1.89
CA ALA D 40 -15.53 29.70 2.20
C ALA D 40 -15.16 30.80 1.21
N PRO D 41 -16.05 31.78 0.98
CA PRO D 41 -15.82 32.82 -0.04
C PRO D 41 -14.43 33.45 0.01
N GLY D 42 -13.91 33.70 1.20
CA GLY D 42 -12.64 34.41 1.32
C GLY D 42 -11.46 33.47 1.31
N LYS D 43 -11.65 32.29 1.91
CA LYS D 43 -10.57 31.37 2.19
C LYS D 43 -10.37 30.29 1.13
N GLN D 44 -9.17 29.73 1.10
CA GLN D 44 -8.82 28.72 0.12
C GLN D 44 -9.45 27.39 0.53
N ARG D 45 -9.61 26.49 -0.44
CA ARG D 45 -10.20 25.18 -0.19
C ARG D 45 -9.37 24.44 0.84
N ASP D 46 -10.00 24.05 1.95
CA ASP D 46 -9.28 23.42 3.05
C ASP D 46 -9.76 22.00 3.25
N LEU D 47 -8.83 21.06 3.42
CA LEU D 47 -9.21 19.69 3.77
C LEU D 47 -9.51 19.63 5.27
N VAL D 48 -10.71 19.25 5.65
CA VAL D 48 -11.03 19.27 7.09
C VAL D 48 -11.30 17.90 7.68
N ALA D 49 -11.56 16.91 6.84
CA ALA D 49 -11.72 15.53 7.31
C ALA D 49 -11.34 14.59 6.21
N ILE D 50 -10.69 13.49 6.56
CA ILE D 50 -10.29 12.52 5.56
C ILE D 50 -10.39 11.13 6.19
N ILE D 51 -10.71 10.15 5.36
CA ILE D 51 -10.85 8.80 5.83
C ILE D 51 -10.10 7.90 4.85
N SER D 52 -9.46 6.85 5.36
CA SER D 52 -8.76 5.92 4.51
C SER D 52 -9.65 4.70 4.26
N SER D 53 -9.25 3.88 3.31
CA SER D 53 -10.05 2.69 3.03
C SER D 53 -10.10 1.81 4.27
N GLY D 54 -9.05 1.84 5.08
CA GLY D 54 -9.00 1.04 6.30
C GLY D 54 -9.83 1.58 7.46
N GLY D 55 -10.37 2.79 7.32
CA GLY D 55 -11.23 3.35 8.34
C GLY D 55 -10.54 4.42 9.19
N SER D 56 -9.26 4.59 8.93
CA SER D 56 -8.45 5.59 9.59
C SER D 56 -8.97 6.99 9.26
N THR D 57 -8.98 7.90 10.23
CA THR D 57 -9.46 9.23 9.96
C THR D 57 -8.52 10.31 10.47
N ASP D 58 -8.65 11.50 9.88
CA ASP D 58 -7.91 12.65 10.38
C ASP D 58 -8.81 13.86 10.21
N TYR D 59 -8.61 14.86 11.06
CA TYR D 59 -9.45 16.04 11.05
C TYR D 59 -8.60 17.29 11.19
N ALA D 60 -9.11 18.39 10.64
CA ALA D 60 -8.59 19.71 10.92
C ALA D 60 -8.92 20.07 12.36
N ASP D 61 -8.01 20.78 13.03
CA ASP D 61 -8.22 21.14 14.43
C ASP D 61 -9.57 21.84 14.62
N SER D 62 -9.91 22.68 13.67
CA SER D 62 -11.10 23.53 13.76
C SER D 62 -12.40 22.72 13.82
N VAL D 63 -12.35 21.46 13.40
CA VAL D 63 -13.56 20.64 13.36
C VAL D 63 -13.45 19.40 14.25
N LYS D 64 -12.26 19.16 14.80
CA LYS D 64 -12.06 18.01 15.70
C LYS D 64 -13.08 17.98 16.82
N GLY D 65 -13.66 16.82 17.08
CA GLY D 65 -14.64 16.65 18.12
C GLY D 65 -16.04 17.07 17.73
N ARG D 66 -16.19 17.76 16.60
CA ARG D 66 -17.50 18.20 16.09
C ARG D 66 -17.88 17.48 14.81
N PHE D 67 -16.90 17.24 13.95
CA PHE D 67 -17.19 16.56 12.69
C PHE D 67 -16.72 15.13 12.77
N THR D 68 -17.50 14.23 12.20
CA THR D 68 -17.12 12.82 12.17
C THR D 68 -17.22 12.35 10.74
N ILE D 69 -16.09 11.90 10.18
CA ILE D 69 -16.10 11.35 8.84
C ILE D 69 -16.16 9.83 9.00
N SER D 70 -16.95 9.19 8.16
CA SER D 70 -17.12 7.75 8.20
C SER D 70 -17.39 7.27 6.79
N ARG D 71 -17.28 5.98 6.55
CA ARG D 71 -17.72 5.52 5.25
C ARG D 71 -18.45 4.21 5.33
N ASP D 72 -19.26 3.99 4.33
CA ASP D 72 -19.97 2.76 4.18
C ASP D 72 -19.44 2.15 2.89
N ASN D 73 -18.57 1.14 2.99
CA ASN D 73 -18.00 0.55 1.80
C ASN D 73 -19.08 -0.03 0.90
N ALA D 74 -20.08 -0.69 1.49
CA ALA D 74 -21.14 -1.30 0.70
C ALA D 74 -21.89 -0.26 -0.15
N LYS D 75 -22.01 0.95 0.37
CA LYS D 75 -22.71 2.01 -0.35
C LYS D 75 -21.76 2.92 -1.13
N ASN D 76 -20.46 2.64 -1.07
CA ASN D 76 -19.47 3.51 -1.71
C ASN D 76 -19.70 4.96 -1.34
N THR D 77 -20.01 5.17 -0.08
CA THR D 77 -20.36 6.51 0.36
C THR D 77 -19.56 6.90 1.58
N VAL D 78 -19.11 8.15 1.59
CA VAL D 78 -18.39 8.70 2.70
C VAL D 78 -19.26 9.81 3.30
N TYR D 79 -19.40 9.80 4.62
CA TYR D 79 -20.28 10.74 5.27
C TYR D 79 -19.49 11.74 6.08
N LEU D 80 -20.03 12.95 6.18
CA LEU D 80 -19.47 13.88 7.14
C LEU D 80 -20.61 14.27 8.06
N GLN D 81 -20.56 13.75 9.27
CA GLN D 81 -21.50 14.12 10.30
C GLN D 81 -21.00 15.42 10.90
N MET D 82 -21.81 16.46 10.78
CA MET D 82 -21.42 17.77 11.24
C MET D 82 -22.30 18.13 12.42
N ASP D 83 -21.71 18.11 13.61
CA ASP D 83 -22.42 18.45 14.82
C ASP D 83 -21.95 19.78 15.33
N SER D 84 -22.76 20.41 16.18
CA SER D 84 -22.35 21.63 16.85
C SER D 84 -21.87 22.67 15.86
N LEU D 85 -22.61 22.83 14.77
CA LEU D 85 -22.19 23.71 13.71
C LEU D 85 -22.07 25.14 14.17
N LYS D 86 -21.07 25.82 13.62
CA LYS D 86 -20.79 27.22 13.94
C LYS D 86 -20.86 28.02 12.65
N PRO D 87 -21.14 29.33 12.77
CA PRO D 87 -21.06 30.26 11.63
C PRO D 87 -19.76 30.09 10.83
N GLU D 88 -18.67 29.89 11.56
CA GLU D 88 -17.37 29.65 10.95
C GLU D 88 -17.35 28.42 10.05
N ASP D 89 -18.34 27.53 10.21
CA ASP D 89 -18.39 26.31 9.40
C ASP D 89 -19.01 26.53 8.03
N THR D 90 -19.53 27.74 7.82
CA THR D 90 -20.16 28.10 6.56
C THR D 90 -19.14 28.03 5.42
N ALA D 91 -19.50 27.27 4.39
CA ALA D 91 -18.64 27.05 3.24
C ALA D 91 -19.34 26.11 2.27
N ILE D 92 -18.83 26.03 1.04
CA ILE D 92 -19.19 24.93 0.18
C ILE D 92 -18.26 23.77 0.51
N TYR D 93 -18.87 22.60 0.76
CA TYR D 93 -18.15 21.41 1.14
C TYR D 93 -18.01 20.51 -0.07
N TYR D 94 -16.81 20.04 -0.33
CA TYR D 94 -16.57 19.16 -1.46
C TYR D 94 -15.93 17.89 -1.02
N CYS D 95 -16.29 16.79 -1.67
N CYS D 95 -16.35 16.82 -1.68
CA CYS D 95 -15.58 15.57 -1.36
CA CYS D 95 -15.75 15.51 -1.55
C CYS D 95 -14.73 15.17 -2.55
C CYS D 95 -14.68 15.31 -2.62
N ASN D 96 -13.48 14.87 -2.24
CA ASN D 96 -12.52 14.46 -3.26
C ASN D 96 -11.34 13.72 -2.66
N ALA D 97 -10.52 13.15 -3.52
CA ALA D 97 -9.37 12.46 -3.03
C ALA D 97 -8.15 12.99 -3.75
N ARG D 98 -7.15 13.41 -2.99
CA ARG D 98 -5.95 13.96 -3.60
C ARG D 98 -5.11 12.82 -4.09
N VAL D 99 -4.69 12.88 -5.34
CA VAL D 99 -3.86 11.84 -5.93
C VAL D 99 -2.56 12.49 -6.37
N GLY D 100 -1.61 12.59 -5.45
CA GLY D 100 -0.44 13.39 -5.68
C GLY D 100 -0.81 14.85 -5.59
N ILE D 101 -0.83 15.51 -6.73
CA ILE D 101 -1.27 16.89 -6.77
C ILE D 101 -2.65 16.96 -7.43
N THR D 102 -2.89 16.12 -8.42
CA THR D 102 -4.17 16.11 -9.09
C THR D 102 -5.25 15.46 -8.21
N MET D 103 -6.49 15.85 -8.43
CA MET D 103 -7.55 15.24 -7.66
C MET D 103 -7.99 13.98 -8.40
N LEU D 104 -8.55 13.06 -7.64
CA LEU D 104 -9.11 11.83 -8.20
C LEU D 104 -10.27 12.14 -9.15
N ALA D 105 -11.16 13.03 -8.71
CA ALA D 105 -12.35 13.37 -9.47
C ALA D 105 -12.34 14.85 -9.80
N HIS D 106 -12.99 15.23 -10.89
CA HIS D 106 -13.24 16.64 -11.11
C HIS D 106 -14.02 17.10 -9.90
N TRP D 107 -13.76 18.33 -9.47
CA TRP D 107 -14.48 18.86 -8.33
C TRP D 107 -15.97 18.90 -8.65
N GLY D 108 -16.78 18.35 -7.76
CA GLY D 108 -18.22 18.35 -7.93
C GLY D 108 -18.78 19.75 -7.76
N GLN D 109 -20.10 19.88 -7.64
CA GLN D 109 -20.63 21.19 -7.37
C GLN D 109 -20.52 21.47 -5.87
N GLY D 110 -20.14 20.44 -5.13
CA GLY D 110 -20.00 20.55 -3.70
C GLY D 110 -21.38 20.66 -3.09
N THR D 111 -21.44 20.82 -1.78
CA THR D 111 -22.71 21.07 -1.15
C THR D 111 -22.55 22.24 -0.18
N GLN D 112 -23.39 23.24 -0.37
CA GLN D 112 -23.36 24.45 0.43
C GLN D 112 -23.81 24.18 1.83
N VAL D 113 -23.01 24.65 2.79
CA VAL D 113 -23.42 24.62 4.17
C VAL D 113 -23.41 26.05 4.64
N THR D 114 -24.56 26.48 5.18
CA THR D 114 -24.67 27.83 5.71
C THR D 114 -25.17 27.74 7.13
N VAL D 115 -24.36 28.22 8.07
CA VAL D 115 -24.73 28.16 9.48
C VAL D 115 -25.09 29.55 9.95
N SER D 116 -26.34 29.75 10.33
CA SER D 116 -26.83 31.06 10.76
C SER D 116 -26.64 31.25 12.26
N GLN E 1 2.72 -18.26 -2.76
CA GLN E 1 3.86 -19.12 -2.52
C GLN E 1 5.14 -18.50 -3.09
N VAL E 2 6.11 -18.26 -2.20
CA VAL E 2 7.41 -17.72 -2.61
C VAL E 2 8.57 -18.62 -2.13
N GLN E 3 9.43 -19.05 -3.05
CA GLN E 3 10.66 -19.73 -2.70
C GLN E 3 11.81 -18.74 -2.73
N LEU E 4 12.75 -18.87 -1.80
CA LEU E 4 13.91 -17.97 -1.72
C LEU E 4 15.23 -18.71 -1.84
N GLN E 5 16.06 -18.29 -2.78
CA GLN E 5 17.33 -18.97 -2.99
C GLN E 5 18.49 -18.06 -2.57
N GLU E 6 19.23 -18.53 -1.58
CA GLU E 6 20.32 -17.75 -1.00
C GLU E 6 21.65 -18.20 -1.56
N SER E 7 22.54 -17.25 -1.79
CA SER E 7 23.90 -17.57 -2.18
C SER E 7 24.84 -16.42 -1.88
N GLY E 8 26.15 -16.69 -2.01
CA GLY E 8 27.14 -15.63 -2.00
C GLY E 8 28.07 -15.64 -0.80
N GLY E 9 27.69 -16.36 0.25
CA GLY E 9 28.50 -16.40 1.45
C GLY E 9 29.74 -17.27 1.36
N GLY E 10 30.39 -17.45 2.51
CA GLY E 10 31.61 -18.23 2.59
C GLY E 10 32.57 -17.62 3.58
N LEU E 11 33.85 -17.87 3.36
CA LEU E 11 34.91 -17.42 4.23
C LEU E 11 35.70 -16.28 3.59
N VAL E 12 35.92 -15.19 4.33
N VAL E 12 35.92 -15.21 4.34
CA VAL E 12 36.63 -14.01 3.81
CA VAL E 12 36.66 -14.04 3.87
C VAL E 12 37.42 -13.33 4.91
C VAL E 12 37.53 -13.46 4.96
N GLN E 13 38.57 -12.75 4.57
CA GLN E 13 39.40 -12.04 5.54
C GLN E 13 38.67 -10.79 5.99
N ALA E 14 38.95 -10.37 7.22
CA ALA E 14 38.44 -9.10 7.72
C ALA E 14 38.91 -7.99 6.82
N GLY E 15 38.04 -7.02 6.58
CA GLY E 15 38.32 -5.97 5.62
C GLY E 15 37.79 -6.32 4.25
N GLY E 16 37.49 -7.60 4.02
CA GLY E 16 37.04 -8.03 2.71
C GLY E 16 35.57 -7.82 2.42
N SER E 17 35.14 -8.28 1.25
CA SER E 17 33.76 -8.12 0.80
C SER E 17 33.11 -9.41 0.38
N LEU E 18 31.80 -9.47 0.54
CA LEU E 18 30.97 -10.51 -0.06
C LEU E 18 29.75 -9.87 -0.67
N ARG E 19 29.13 -10.58 -1.59
CA ARG E 19 27.87 -10.17 -2.11
C ARG E 19 26.90 -11.32 -1.95
N LEU E 20 25.93 -11.14 -1.08
CA LEU E 20 24.87 -12.13 -0.94
C LEU E 20 23.77 -11.86 -1.92
N SER E 21 23.18 -12.93 -2.46
N SER E 21 23.17 -12.94 -2.43
CA SER E 21 22.03 -12.82 -3.35
CA SER E 21 22.04 -12.84 -3.33
C SER E 21 20.86 -13.62 -2.78
C SER E 21 20.86 -13.63 -2.77
N CYS E 22 19.67 -13.03 -2.85
CA CYS E 22 18.47 -13.68 -2.43
C CYS E 22 17.53 -13.68 -3.60
N ALA E 23 17.43 -14.81 -4.29
CA ALA E 23 16.59 -14.94 -5.47
C ALA E 23 15.21 -15.50 -5.14
N ALA E 24 14.17 -14.85 -5.65
CA ALA E 24 12.80 -15.24 -5.34
C ALA E 24 12.09 -15.81 -6.57
N SER E 25 11.17 -16.74 -6.32
CA SER E 25 10.36 -17.38 -7.34
C SER E 25 8.96 -17.62 -6.78
N GLY E 26 7.97 -17.79 -7.65
CA GLY E 26 6.60 -17.92 -7.21
C GLY E 26 5.84 -16.60 -7.31
N SER E 27 4.88 -16.40 -6.41
CA SER E 27 4.07 -15.17 -6.42
C SER E 27 4.90 -13.96 -5.95
N THR E 28 5.96 -13.65 -6.70
CA THR E 28 6.91 -12.60 -6.29
C THR E 28 6.39 -11.20 -6.52
N PHE E 29 5.40 -11.06 -7.41
CA PHE E 29 4.93 -9.74 -7.79
C PHE E 29 4.45 -8.91 -6.60
N GLY E 30 3.86 -9.60 -5.62
CA GLY E 30 3.29 -8.93 -4.47
C GLY E 30 4.21 -8.72 -3.27
N ILE E 31 5.51 -8.95 -3.44
CA ILE E 31 6.44 -8.85 -2.31
C ILE E 31 6.75 -7.40 -1.93
N ARG E 32 6.33 -7.01 -0.73
CA ARG E 32 6.47 -5.64 -0.24
C ARG E 32 7.88 -5.35 0.26
N THR E 33 8.45 -6.31 0.97
CA THR E 33 9.77 -6.11 1.57
C THR E 33 10.62 -7.37 1.46
N MET E 34 11.92 -7.21 1.58
CA MET E 34 12.78 -8.37 1.68
C MET E 34 13.90 -8.03 2.61
N GLY E 35 14.21 -8.93 3.52
CA GLY E 35 15.24 -8.62 4.48
C GLY E 35 16.36 -9.65 4.50
N TRP E 36 17.52 -9.20 4.95
CA TRP E 36 18.61 -10.08 5.30
C TRP E 36 18.74 -10.10 6.81
N TYR E 37 18.64 -11.30 7.35
CA TYR E 37 18.81 -11.58 8.76
C TYR E 37 20.15 -12.21 8.98
N ARG E 38 20.68 -12.15 10.18
CA ARG E 38 21.84 -12.95 10.45
C ARG E 38 21.78 -13.49 11.86
N GLN E 39 22.44 -14.62 12.06
CA GLN E 39 22.43 -15.26 13.36
C GLN E 39 23.82 -15.74 13.65
N ALA E 40 24.46 -15.11 14.62
CA ALA E 40 25.79 -15.50 15.06
C ALA E 40 25.66 -16.72 15.97
N PRO E 41 26.71 -17.56 16.01
CA PRO E 41 26.67 -18.75 16.87
C PRO E 41 26.26 -18.39 18.30
N GLY E 42 25.33 -19.16 18.83
CA GLY E 42 24.85 -18.94 20.18
C GLY E 42 24.08 -17.65 20.37
N LYS E 43 23.75 -16.94 19.29
CA LYS E 43 22.98 -15.71 19.43
C LYS E 43 21.66 -15.79 18.67
N GLN E 44 20.81 -14.81 18.92
N GLN E 44 20.80 -14.81 18.94
CA GLN E 44 19.49 -14.73 18.29
CA GLN E 44 19.51 -14.75 18.27
C GLN E 44 19.62 -14.21 16.86
C GLN E 44 19.69 -14.34 16.82
N ARG E 45 18.67 -14.57 16.00
CA ARG E 45 18.68 -14.12 14.61
C ARG E 45 18.16 -12.70 14.58
N ASP E 46 18.93 -11.77 13.99
CA ASP E 46 18.53 -10.37 13.93
C ASP E 46 18.39 -9.91 12.50
N LEU E 47 17.39 -9.07 12.23
CA LEU E 47 17.25 -8.43 10.93
C LEU E 47 18.33 -7.34 10.80
N VAL E 48 19.17 -7.38 9.77
CA VAL E 48 20.20 -6.35 9.72
C VAL E 48 20.09 -5.41 8.51
N ALA E 49 19.32 -5.79 7.51
CA ALA E 49 19.13 -4.95 6.32
C ALA E 49 17.81 -5.31 5.69
N ILE E 50 17.06 -4.29 5.26
CA ILE E 50 15.77 -4.55 4.65
C ILE E 50 15.52 -3.58 3.51
N ILE E 51 14.82 -4.06 2.50
CA ILE E 51 14.52 -3.24 1.35
C ILE E 51 13.05 -3.38 1.00
N SER E 52 12.43 -2.29 0.53
CA SER E 52 11.03 -2.32 0.17
C SER E 52 10.97 -2.44 -1.33
N SER E 53 9.78 -2.74 -1.84
CA SER E 53 9.59 -2.88 -3.28
C SER E 53 9.99 -1.59 -4.01
N GLY E 54 9.80 -0.45 -3.37
CA GLY E 54 10.18 0.83 -3.97
C GLY E 54 11.67 1.13 -3.88
N GLY E 55 12.40 0.32 -3.12
CA GLY E 55 13.84 0.50 -3.00
C GLY E 55 14.31 1.23 -1.75
N SER E 56 13.37 1.56 -0.86
CA SER E 56 13.74 2.14 0.42
C SER E 56 14.48 1.09 1.18
N THR E 57 15.46 1.52 1.97
CA THR E 57 16.28 0.59 2.69
C THR E 57 16.35 0.96 4.15
N ASP E 58 16.77 0.00 4.97
CA ASP E 58 17.06 0.30 6.36
C ASP E 58 18.08 -0.71 6.85
N TYR E 59 18.84 -0.34 7.87
CA TYR E 59 19.96 -1.13 8.33
C TYR E 59 20.06 -1.16 9.83
N ALA E 60 20.49 -2.29 10.39
CA ALA E 60 20.92 -2.34 11.77
C ALA E 60 22.10 -1.41 11.89
N ASP E 61 22.22 -0.77 13.04
CA ASP E 61 23.33 0.12 13.32
C ASP E 61 24.68 -0.54 13.07
N SER E 62 24.76 -1.82 13.41
N SER E 62 24.76 -1.84 13.37
CA SER E 62 26.03 -2.55 13.36
CA SER E 62 26.05 -2.54 13.35
C SER E 62 26.61 -2.65 11.95
C SER E 62 26.60 -2.67 11.94
N VAL E 63 25.75 -2.54 10.94
CA VAL E 63 26.18 -2.74 9.56
C VAL E 63 26.02 -1.50 8.69
N LYS E 64 25.42 -0.44 9.24
CA LYS E 64 25.26 0.80 8.49
C LYS E 64 26.58 1.32 7.95
N GLY E 65 26.57 1.71 6.69
CA GLY E 65 27.76 2.25 6.07
C GLY E 65 28.65 1.18 5.47
N ARG E 66 28.43 -0.08 5.86
CA ARG E 66 29.25 -1.17 5.35
C ARG E 66 28.46 -2.14 4.50
N PHE E 67 27.20 -2.40 4.86
CA PHE E 67 26.40 -3.32 4.06
C PHE E 67 25.48 -2.47 3.23
N THR E 68 25.23 -2.89 2.00
CA THR E 68 24.26 -2.19 1.19
C THR E 68 23.30 -3.24 0.69
N ILE E 69 22.01 -3.03 0.93
CA ILE E 69 21.00 -3.91 0.40
C ILE E 69 20.44 -3.25 -0.86
N SER E 70 20.20 -4.05 -1.89
CA SER E 70 19.63 -3.53 -3.12
C SER E 70 18.78 -4.62 -3.75
N ARG E 71 18.05 -4.27 -4.79
N ARG E 71 18.04 -4.27 -4.79
CA ARG E 71 17.22 -5.25 -5.46
CA ARG E 71 17.30 -5.30 -5.48
C ARG E 71 17.22 -5.05 -6.96
C ARG E 71 17.27 -5.05 -6.97
N ASP E 72 17.13 -6.16 -7.69
CA ASP E 72 16.98 -6.13 -9.11
C ASP E 72 15.61 -6.73 -9.35
N ASN E 73 14.63 -5.86 -9.58
CA ASN E 73 13.27 -6.32 -9.83
C ASN E 73 13.17 -7.29 -11.00
N ALA E 74 13.88 -7.02 -12.08
CA ALA E 74 13.84 -7.89 -13.27
C ALA E 74 14.32 -9.30 -12.97
N LYS E 75 15.29 -9.42 -12.06
CA LYS E 75 15.83 -10.70 -11.67
C LYS E 75 15.21 -11.24 -10.38
N ASN E 76 14.26 -10.49 -9.82
CA ASN E 76 13.61 -10.89 -8.58
C ASN E 76 14.61 -11.31 -7.52
N THR E 77 15.65 -10.49 -7.40
CA THR E 77 16.76 -10.79 -6.52
C THR E 77 17.07 -9.58 -5.70
N VAL E 78 17.37 -9.85 -4.43
CA VAL E 78 17.80 -8.83 -3.50
C VAL E 78 19.21 -9.15 -3.10
N TYR E 79 20.08 -8.14 -3.15
CA TYR E 79 21.49 -8.33 -2.89
C TYR E 79 21.88 -7.70 -1.59
N LEU E 80 22.87 -8.28 -0.94
CA LEU E 80 23.47 -7.66 0.23
C LEU E 80 24.94 -7.58 -0.05
N GLN E 81 25.38 -6.38 -0.36
CA GLN E 81 26.78 -6.10 -0.58
C GLN E 81 27.39 -5.87 0.79
N MET E 82 28.29 -6.75 1.17
CA MET E 82 28.89 -6.67 2.49
C MET E 82 30.34 -6.26 2.33
N ASP E 83 30.65 -5.02 2.66
CA ASP E 83 32.03 -4.51 2.58
C ASP E 83 32.61 -4.33 3.96
N SER E 84 33.93 -4.17 4.03
CA SER E 84 34.59 -3.86 5.30
C SER E 84 34.15 -4.84 6.37
N LEU E 85 34.21 -6.11 6.05
CA LEU E 85 33.68 -7.13 6.95
C LEU E 85 34.55 -7.32 8.18
N LYS E 86 33.87 -7.62 9.28
CA LYS E 86 34.48 -7.73 10.58
C LYS E 86 34.23 -9.13 11.09
N PRO E 87 35.12 -9.63 11.97
CA PRO E 87 34.86 -10.94 12.57
C PRO E 87 33.45 -10.99 13.17
N GLU E 88 33.00 -9.87 13.73
CA GLU E 88 31.68 -9.76 14.33
C GLU E 88 30.53 -9.99 13.35
N ASP E 89 30.82 -9.89 12.05
CA ASP E 89 29.83 -10.17 11.01
C ASP E 89 29.68 -11.67 10.73
N THR E 90 30.55 -12.49 11.31
CA THR E 90 30.40 -13.92 11.15
C THR E 90 29.04 -14.37 11.65
N ALA E 91 28.32 -15.09 10.79
CA ALA E 91 26.95 -15.52 11.07
C ALA E 91 26.42 -16.32 9.90
N ILE E 92 25.34 -17.04 10.12
CA ILE E 92 24.59 -17.57 9.01
C ILE E 92 23.61 -16.47 8.62
N TYR E 93 23.60 -16.11 7.34
CA TYR E 93 22.70 -15.05 6.86
C TYR E 93 21.50 -15.64 6.17
N TYR E 94 20.33 -15.06 6.42
CA TYR E 94 19.10 -15.61 5.90
C TYR E 94 18.33 -14.49 5.23
N CYS E 95 17.65 -14.85 4.14
N CYS E 95 17.71 -14.74 4.09
CA CYS E 95 16.79 -13.97 3.38
CA CYS E 95 16.84 -13.68 3.58
C CYS E 95 15.32 -14.24 3.72
C CYS E 95 15.41 -14.14 3.72
N ASN E 96 14.56 -13.23 4.16
CA ASN E 96 13.14 -13.51 4.35
C ASN E 96 12.38 -12.23 4.50
N ALA E 97 11.07 -12.34 4.57
CA ALA E 97 10.27 -11.16 4.84
C ALA E 97 9.26 -11.50 5.89
N ARG E 98 9.08 -10.59 6.84
CA ARG E 98 8.07 -10.77 7.84
C ARG E 98 6.73 -10.30 7.32
N VAL E 99 5.73 -11.14 7.53
CA VAL E 99 4.37 -10.82 7.13
C VAL E 99 3.51 -10.96 8.38
N GLY E 100 3.40 -9.88 9.15
CA GLY E 100 2.80 -9.98 10.46
C GLY E 100 3.77 -10.64 11.42
N ILE E 101 3.39 -11.78 11.96
CA ILE E 101 4.27 -12.54 12.87
C ILE E 101 5.08 -13.55 12.07
N THR E 102 4.42 -14.17 11.11
CA THR E 102 5.02 -15.27 10.36
C THR E 102 5.86 -14.73 9.20
N MET E 103 6.74 -15.57 8.66
CA MET E 103 7.61 -15.17 7.57
C MET E 103 6.96 -15.50 6.24
N LEU E 104 7.38 -14.79 5.20
CA LEU E 104 6.88 -14.99 3.85
C LEU E 104 7.21 -16.39 3.37
N ALA E 105 8.44 -16.82 3.66
CA ALA E 105 8.89 -18.11 3.17
C ALA E 105 9.48 -18.92 4.32
N HIS E 106 9.57 -20.23 4.13
CA HIS E 106 10.31 -21.04 5.08
C HIS E 106 11.72 -20.47 5.18
N TRP E 107 12.31 -20.50 6.36
CA TRP E 107 13.69 -20.07 6.50
C TRP E 107 14.60 -20.94 5.64
N GLY E 108 15.42 -20.28 4.84
CA GLY E 108 16.35 -20.99 3.97
C GLY E 108 17.48 -21.59 4.78
N GLN E 109 18.37 -22.33 4.13
CA GLN E 109 19.49 -22.92 4.84
C GLN E 109 20.46 -21.82 5.25
N GLY E 110 20.24 -20.63 4.69
CA GLY E 110 21.07 -19.50 5.00
C GLY E 110 22.36 -19.61 4.22
N THR E 111 23.14 -18.54 4.24
CA THR E 111 24.45 -18.62 3.66
C THR E 111 25.43 -18.27 4.76
N GLN E 112 26.28 -19.23 5.06
CA GLN E 112 27.28 -19.04 6.10
C GLN E 112 28.22 -17.93 5.67
N VAL E 113 28.45 -16.99 6.57
CA VAL E 113 29.48 -15.99 6.35
C VAL E 113 30.47 -16.10 7.49
N THR E 114 31.73 -16.35 7.16
CA THR E 114 32.77 -16.43 8.15
C THR E 114 33.87 -15.44 7.81
N VAL E 115 34.15 -14.54 8.75
CA VAL E 115 35.15 -13.51 8.53
C VAL E 115 36.39 -13.75 9.39
N SER E 116 37.43 -14.34 8.80
CA SER E 116 38.64 -14.66 9.56
C SER E 116 39.44 -13.41 9.94
N SER E 117 40.25 -13.52 10.99
CA SER E 117 41.01 -12.38 11.49
C SER E 117 42.37 -12.27 10.81
N GLN F 1 3.03 -18.30 2.51
CA GLN F 1 2.15 -19.38 2.04
C GLN F 1 0.71 -19.19 2.53
N VAL F 2 -0.25 -19.21 1.61
CA VAL F 2 -1.66 -19.09 1.99
C VAL F 2 -2.48 -20.26 1.45
N GLN F 3 -3.29 -20.87 2.31
CA GLN F 3 -4.26 -21.88 1.87
C GLN F 3 -5.69 -21.37 1.99
N LEU F 4 -6.56 -21.72 1.05
CA LEU F 4 -7.92 -21.18 1.04
C LEU F 4 -8.97 -22.28 1.11
N GLN F 5 -9.92 -22.12 2.02
CA GLN F 5 -10.94 -23.13 2.25
C GLN F 5 -12.30 -22.61 1.87
N GLU F 6 -12.89 -23.21 0.84
CA GLU F 6 -14.14 -22.73 0.27
C GLU F 6 -15.31 -23.57 0.72
N SER F 7 -16.40 -22.93 1.12
CA SER F 7 -17.57 -23.67 1.52
C SER F 7 -18.82 -22.83 1.35
N GLY F 8 -19.98 -23.45 1.51
CA GLY F 8 -21.24 -22.72 1.49
C GLY F 8 -22.15 -23.02 0.31
N GLY F 9 -21.59 -23.61 -0.73
CA GLY F 9 -22.34 -23.79 -1.95
C GLY F 9 -23.30 -24.96 -1.89
N GLY F 10 -24.02 -25.16 -2.99
CA GLY F 10 -24.89 -26.31 -3.08
C GLY F 10 -26.03 -26.02 -4.02
N LEU F 11 -27.12 -26.74 -3.79
CA LEU F 11 -28.31 -26.66 -4.63
C LEU F 11 -29.32 -25.76 -3.95
N VAL F 12 -29.96 -24.90 -4.74
CA VAL F 12 -30.92 -23.96 -4.17
C VAL F 12 -31.91 -23.59 -5.27
N GLN F 13 -33.14 -23.30 -4.87
CA GLN F 13 -34.14 -22.84 -5.81
C GLN F 13 -33.86 -21.40 -6.25
N ALA F 14 -34.17 -21.10 -7.50
CA ALA F 14 -34.11 -19.74 -8.00
C ALA F 14 -34.88 -18.80 -7.08
N GLY F 15 -34.29 -17.66 -6.78
CA GLY F 15 -34.88 -16.71 -5.85
C GLY F 15 -34.26 -16.88 -4.47
N GLY F 16 -33.66 -18.03 -4.26
CA GLY F 16 -33.08 -18.38 -2.98
C GLY F 16 -31.73 -17.73 -2.72
N SER F 17 -31.13 -18.09 -1.58
N SER F 17 -31.13 -18.10 -1.60
CA SER F 17 -29.88 -17.52 -1.16
CA SER F 17 -29.88 -17.50 -1.16
C SER F 17 -28.87 -18.56 -0.72
C SER F 17 -28.87 -18.52 -0.63
N LEU F 18 -27.59 -18.23 -0.85
CA LEU F 18 -26.52 -19.02 -0.25
C LEU F 18 -25.49 -18.07 0.32
N ARG F 19 -24.65 -18.58 1.20
CA ARG F 19 -23.54 -17.81 1.68
C ARG F 19 -22.25 -18.60 1.51
N LEU F 20 -21.35 -18.08 0.70
CA LEU F 20 -20.10 -18.76 0.49
C LEU F 20 -19.11 -18.22 1.48
N SER F 21 -18.18 -19.07 1.89
N SER F 21 -18.22 -19.07 1.94
CA SER F 21 -17.16 -18.68 2.84
CA SER F 21 -17.17 -18.67 2.86
C SER F 21 -15.81 -19.09 2.31
C SER F 21 -15.84 -19.07 2.27
N CYS F 22 -14.88 -18.15 2.32
CA CYS F 22 -13.53 -18.38 1.87
C CYS F 22 -12.64 -18.13 3.06
N ALA F 23 -12.25 -19.20 3.74
CA ALA F 23 -11.43 -19.07 4.94
C ALA F 23 -9.98 -19.31 4.56
N ALA F 24 -9.11 -18.45 5.06
CA ALA F 24 -7.70 -18.48 4.70
C ALA F 24 -6.83 -18.89 5.87
N SER F 25 -5.73 -19.56 5.56
N SER F 25 -5.72 -19.55 5.56
CA SER F 25 -4.75 -19.93 6.58
CA SER F 25 -4.74 -19.97 6.55
C SER F 25 -3.34 -19.55 6.12
C SER F 25 -3.34 -19.55 6.12
N GLY F 26 -2.37 -19.72 7.01
CA GLY F 26 -0.99 -19.41 6.67
C GLY F 26 -0.68 -17.94 6.79
N SER F 27 0.02 -17.41 5.80
CA SER F 27 0.53 -16.04 5.81
C SER F 27 -0.58 -15.03 5.46
N THR F 28 -1.63 -14.99 6.28
CA THR F 28 -2.82 -14.20 5.93
C THR F 28 -2.69 -12.71 6.20
N PHE F 29 -1.76 -12.32 7.05
CA PHE F 29 -1.67 -10.93 7.46
C PHE F 29 -1.48 -9.98 6.27
N GLY F 30 -0.75 -10.43 5.26
CA GLY F 30 -0.43 -9.57 4.13
C GLY F 30 -1.39 -9.58 2.94
N ILE F 31 -2.58 -10.12 3.12
CA ILE F 31 -3.50 -10.27 1.98
C ILE F 31 -4.19 -8.94 1.67
N ARG F 32 -3.95 -8.42 0.47
CA ARG F 32 -4.45 -7.10 0.06
C ARG F 32 -5.89 -7.12 -0.47
N THR F 33 -6.20 -8.17 -1.21
CA THR F 33 -7.52 -8.33 -1.79
C THR F 33 -7.86 -9.81 -1.75
N MET F 34 -9.15 -10.09 -1.85
CA MET F 34 -9.61 -11.45 -2.07
C MET F 34 -10.78 -11.39 -3.00
N GLY F 35 -10.85 -12.33 -3.96
CA GLY F 35 -11.96 -12.32 -4.87
C GLY F 35 -12.73 -13.63 -4.88
N TRP F 36 -13.99 -13.54 -5.27
CA TRP F 36 -14.81 -14.70 -5.57
C TRP F 36 -14.96 -14.75 -7.07
N TYR F 37 -14.54 -15.87 -7.60
CA TYR F 37 -14.59 -16.17 -9.02
C TYR F 37 -15.69 -17.14 -9.27
N ARG F 38 -16.18 -17.20 -10.48
CA ARG F 38 -17.07 -18.29 -10.78
C ARG F 38 -16.83 -18.78 -12.16
N GLN F 39 -17.06 -20.07 -12.32
CA GLN F 39 -16.84 -20.69 -13.60
C GLN F 39 -18.09 -21.46 -13.97
N ALA F 40 -18.82 -20.95 -14.96
CA ALA F 40 -20.04 -21.63 -15.43
C ALA F 40 -19.66 -22.82 -16.31
N PRO F 41 -20.57 -23.78 -16.51
CA PRO F 41 -20.18 -24.96 -17.29
C PRO F 41 -19.61 -24.59 -18.66
N GLY F 42 -18.41 -25.09 -18.97
CA GLY F 42 -17.82 -24.90 -20.28
C GLY F 42 -17.16 -23.55 -20.46
N LYS F 43 -17.31 -22.68 -19.47
CA LYS F 43 -16.85 -21.31 -19.62
C LYS F 43 -15.56 -21.04 -18.86
N GLN F 44 -14.91 -19.94 -19.20
N GLN F 44 -14.93 -19.92 -19.22
CA GLN F 44 -13.72 -19.52 -18.48
CA GLN F 44 -13.75 -19.41 -18.53
C GLN F 44 -14.14 -19.07 -17.09
C GLN F 44 -14.13 -18.92 -17.13
N ARG F 45 -13.19 -19.04 -16.17
N ARG F 45 -13.23 -19.07 -16.18
CA ARG F 45 -13.48 -18.61 -14.81
CA ARG F 45 -13.49 -18.61 -14.82
C ARG F 45 -13.38 -17.10 -14.76
C ARG F 45 -13.38 -17.09 -14.78
N ASP F 46 -14.39 -16.44 -14.19
CA ASP F 46 -14.40 -14.96 -14.13
C ASP F 46 -14.50 -14.43 -12.72
N LEU F 47 -13.84 -13.31 -12.48
CA LEU F 47 -13.97 -12.64 -11.19
C LEU F 47 -15.34 -11.97 -11.10
N VAL F 48 -16.10 -12.21 -10.05
CA VAL F 48 -17.42 -11.54 -9.97
C VAL F 48 -17.58 -10.62 -8.77
N ALA F 49 -16.72 -10.79 -7.76
CA ALA F 49 -16.77 -9.94 -6.58
C ALA F 49 -15.40 -9.97 -5.93
N ILE F 50 -14.96 -8.82 -5.45
CA ILE F 50 -13.63 -8.69 -4.89
C ILE F 50 -13.70 -7.68 -3.76
N ILE F 51 -12.86 -7.88 -2.76
CA ILE F 51 -12.88 -7.04 -1.61
C ILE F 51 -11.44 -6.75 -1.24
N SER F 52 -11.15 -5.51 -0.85
CA SER F 52 -9.82 -5.17 -0.37
C SER F 52 -9.71 -5.40 1.13
N SER F 53 -8.48 -5.39 1.64
CA SER F 53 -8.24 -5.55 3.06
C SER F 53 -9.03 -4.53 3.87
N GLY F 54 -9.09 -3.30 3.35
CA GLY F 54 -9.81 -2.22 4.01
C GLY F 54 -11.32 -2.34 3.95
N GLY F 55 -11.83 -3.20 3.07
CA GLY F 55 -13.26 -3.46 3.02
C GLY F 55 -13.93 -2.94 1.77
N SER F 56 -13.14 -2.32 0.88
N SER F 56 -13.13 -2.32 0.89
CA SER F 56 -13.67 -1.84 -0.38
CA SER F 56 -13.63 -1.84 -0.40
C SER F 56 -14.13 -3.02 -1.21
C SER F 56 -14.12 -3.02 -1.21
N THR F 57 -15.21 -2.84 -1.95
CA THR F 57 -15.76 -3.94 -2.75
C THR F 57 -15.99 -3.57 -4.20
N ASP F 58 -16.00 -4.57 -5.08
CA ASP F 58 -16.39 -4.32 -6.46
C ASP F 58 -17.06 -5.58 -6.99
N TYR F 59 -17.99 -5.41 -7.92
CA TYR F 59 -18.81 -6.52 -8.41
C TYR F 59 -18.93 -6.53 -9.90
N ALA F 60 -19.00 -7.73 -10.46
CA ALA F 60 -19.39 -7.85 -11.85
C ALA F 60 -20.82 -7.36 -11.98
N ASP F 61 -21.13 -6.74 -13.11
CA ASP F 61 -22.47 -6.27 -13.41
C ASP F 61 -23.55 -7.34 -13.18
N SER F 62 -23.27 -8.55 -13.65
CA SER F 62 -24.24 -9.65 -13.54
C SER F 62 -24.68 -9.95 -12.11
N VAL F 63 -23.89 -9.55 -11.11
CA VAL F 63 -24.21 -9.94 -9.74
C VAL F 63 -24.42 -8.74 -8.83
N LYS F 64 -24.17 -7.54 -9.35
CA LYS F 64 -24.39 -6.29 -8.60
C LYS F 64 -25.78 -6.18 -8.01
N GLY F 65 -25.85 -5.87 -6.72
CA GLY F 65 -27.14 -5.72 -6.06
C GLY F 65 -27.66 -7.02 -5.47
N ARG F 66 -27.16 -8.15 -5.97
CA ARG F 66 -27.64 -9.46 -5.53
C ARG F 66 -26.62 -10.18 -4.67
N PHE F 67 -25.35 -10.02 -5.03
CA PHE F 67 -24.28 -10.66 -4.28
C PHE F 67 -23.58 -9.62 -3.41
N THR F 68 -23.19 -10.01 -2.22
CA THR F 68 -22.43 -9.11 -1.37
C THR F 68 -21.19 -9.80 -0.83
N ILE F 69 -20.02 -9.23 -1.10
CA ILE F 69 -18.79 -9.78 -0.58
C ILE F 69 -18.45 -9.00 0.67
N SER F 70 -18.00 -9.72 1.69
CA SER F 70 -17.65 -9.09 2.97
C SER F 70 -16.50 -9.86 3.58
N ARG F 71 -15.87 -9.32 4.61
CA ARG F 71 -14.79 -10.07 5.24
C ARG F 71 -14.86 -9.93 6.76
N ASP F 72 -14.40 -10.97 7.42
CA ASP F 72 -14.19 -10.95 8.85
C ASP F 72 -12.70 -11.14 9.07
N ASN F 73 -11.99 -10.05 9.35
CA ASN F 73 -10.54 -10.16 9.51
C ASN F 73 -10.18 -11.11 10.63
N ALA F 74 -10.92 -11.04 11.73
CA ALA F 74 -10.61 -11.85 12.89
C ALA F 74 -10.72 -13.33 12.58
N LYS F 75 -11.56 -13.67 11.61
CA LYS F 75 -11.73 -15.06 11.20
C LYS F 75 -10.96 -15.38 9.93
N ASN F 76 -10.26 -14.39 9.41
CA ASN F 76 -9.56 -14.53 8.11
C ASN F 76 -10.45 -15.15 7.08
N THR F 77 -11.65 -14.62 6.97
CA THR F 77 -12.65 -15.20 6.09
C THR F 77 -13.33 -14.14 5.25
N VAL F 78 -13.57 -14.48 3.99
CA VAL F 78 -14.27 -13.60 3.09
C VAL F 78 -15.53 -14.31 2.67
N TYR F 79 -16.64 -13.62 2.79
CA TYR F 79 -17.93 -14.23 2.54
C TYR F 79 -18.50 -13.70 1.26
N LEU F 80 -19.25 -14.55 0.57
CA LEU F 80 -20.05 -14.09 -0.55
C LEU F 80 -21.52 -14.42 -0.26
N GLN F 81 -22.27 -13.43 0.19
CA GLN F 81 -23.70 -13.58 0.38
C GLN F 81 -24.35 -13.53 -1.00
N MET F 82 -25.06 -14.59 -1.37
N MET F 82 -25.07 -14.57 -1.36
CA MET F 82 -25.67 -14.66 -2.69
CA MET F 82 -25.67 -14.63 -2.69
C MET F 82 -27.17 -14.68 -2.56
C MET F 82 -27.17 -14.68 -2.57
N ASP F 83 -27.83 -13.57 -2.89
CA ASP F 83 -29.28 -13.50 -2.80
C ASP F 83 -29.89 -13.44 -4.18
N SER F 84 -31.20 -13.65 -4.25
CA SER F 84 -31.93 -13.60 -5.51
C SER F 84 -31.22 -14.41 -6.57
N LEU F 85 -30.88 -15.65 -6.21
CA LEU F 85 -30.13 -16.51 -7.11
C LEU F 85 -30.92 -16.85 -8.39
N LYS F 86 -30.19 -16.92 -9.50
CA LYS F 86 -30.78 -17.19 -10.80
C LYS F 86 -30.12 -18.42 -11.39
N PRO F 87 -30.83 -19.15 -12.28
CA PRO F 87 -30.18 -20.32 -12.89
C PRO F 87 -28.84 -19.95 -13.52
N GLU F 88 -28.77 -18.74 -14.07
CA GLU F 88 -27.53 -18.26 -14.69
C GLU F 88 -26.36 -18.12 -13.72
N ASP F 89 -26.62 -18.17 -12.41
CA ASP F 89 -25.55 -18.11 -11.42
C ASP F 89 -24.92 -19.45 -11.18
N THR F 90 -25.47 -20.47 -11.80
CA THR F 90 -24.97 -21.82 -11.58
C THR F 90 -23.53 -21.85 -12.07
N ALA F 91 -22.64 -22.32 -11.23
CA ALA F 91 -21.21 -22.30 -11.53
C ALA F 91 -20.48 -22.90 -10.35
N ILE F 92 -19.23 -23.29 -10.55
CA ILE F 92 -18.39 -23.54 -9.39
C ILE F 92 -17.77 -22.22 -9.03
N TYR F 93 -17.87 -21.87 -7.75
CA TYR F 93 -17.31 -20.63 -7.24
C TYR F 93 -15.98 -20.87 -6.55
N TYR F 94 -15.02 -19.99 -6.81
CA TYR F 94 -13.69 -20.12 -6.25
C TYR F 94 -13.26 -18.83 -5.63
N CYS F 95 -12.50 -18.89 -4.55
N CYS F 95 -12.49 -18.94 -4.56
CA CYS F 95 -11.92 -17.66 -4.02
CA CYS F 95 -11.86 -17.83 -3.88
C CYS F 95 -10.41 -17.69 -4.16
C CYS F 95 -10.36 -17.76 -4.24
N ASN F 96 -9.86 -16.57 -4.56
CA ASN F 96 -8.44 -16.41 -4.76
C ASN F 96 -8.10 -14.94 -4.92
N ALA F 97 -6.82 -14.63 -4.91
CA ALA F 97 -6.36 -13.25 -5.08
C ALA F 97 -5.33 -13.27 -6.18
N ARG F 98 -5.44 -12.33 -7.09
CA ARG F 98 -4.52 -12.18 -8.19
C ARG F 98 -3.31 -11.43 -7.68
N VAL F 99 -2.14 -11.97 -7.96
CA VAL F 99 -0.92 -11.35 -7.52
C VAL F 99 -0.05 -11.24 -8.76
N GLY F 100 -0.21 -10.14 -9.47
CA GLY F 100 0.44 -9.98 -10.76
C GLY F 100 -0.31 -10.81 -11.76
N ILE F 101 0.34 -11.77 -12.34
CA ILE F 101 -0.30 -12.61 -13.31
C ILE F 101 -0.76 -13.93 -12.66
N THR F 102 -0.11 -14.36 -11.61
CA THR F 102 -0.53 -15.61 -10.98
C THR F 102 -1.36 -15.32 -9.75
N MET F 103 -1.76 -16.39 -9.06
CA MET F 103 -2.65 -16.27 -7.91
C MET F 103 -1.89 -16.37 -6.63
N LEU F 104 -2.49 -15.84 -5.57
CA LEU F 104 -1.93 -15.94 -4.25
C LEU F 104 -1.84 -17.41 -3.82
N ALA F 105 -2.88 -18.19 -4.12
CA ALA F 105 -2.90 -19.57 -3.68
C ALA F 105 -3.19 -20.48 -4.85
N HIS F 106 -2.87 -21.76 -4.70
CA HIS F 106 -3.38 -22.79 -5.59
C HIS F 106 -4.90 -22.72 -5.56
N TRP F 107 -5.52 -22.78 -6.72
CA TRP F 107 -6.99 -22.82 -6.76
C TRP F 107 -7.49 -23.98 -5.94
N GLY F 108 -8.47 -23.72 -5.08
CA GLY F 108 -9.08 -24.78 -4.31
C GLY F 108 -10.07 -25.54 -5.19
N GLN F 109 -10.79 -26.47 -4.59
CA GLN F 109 -11.80 -27.24 -5.30
C GLN F 109 -13.00 -26.38 -5.67
N GLY F 110 -13.09 -25.22 -5.06
CA GLY F 110 -14.22 -24.35 -5.27
C GLY F 110 -15.44 -24.88 -4.55
N THR F 111 -16.56 -24.18 -4.70
CA THR F 111 -17.79 -24.68 -4.13
C THR F 111 -18.89 -24.55 -5.18
N GLN F 112 -19.50 -25.68 -5.50
CA GLN F 112 -20.55 -25.75 -6.52
C GLN F 112 -21.78 -24.99 -6.08
N VAL F 113 -22.27 -24.13 -6.97
CA VAL F 113 -23.59 -23.53 -6.77
C VAL F 113 -24.47 -23.95 -7.93
N THR F 114 -25.60 -24.57 -7.61
CA THR F 114 -26.55 -24.90 -8.62
C THR F 114 -27.89 -24.30 -8.27
N VAL F 115 -28.39 -23.44 -9.13
CA VAL F 115 -29.68 -22.79 -8.93
C VAL F 115 -30.70 -23.44 -9.83
N SER F 116 -31.69 -24.08 -9.24
CA SER F 116 -32.70 -24.79 -10.02
C SER F 116 -33.81 -23.82 -10.39
N SER F 117 -34.51 -24.08 -11.49
CA SER F 117 -35.61 -23.22 -11.90
C SER F 117 -36.90 -23.60 -11.19
#